data_5K75
#
_entry.id   5K75
#
_cell.length_a   144.870
_cell.length_b   141.620
_cell.length_c   88.060
_cell.angle_alpha   90.000
_cell.angle_beta   125.920
_cell.angle_gamma   90.000
#
_symmetry.space_group_name_H-M   'C 1 2 1'
#
loop_
_entity.id
_entity.type
_entity.pdbx_description
1 polymer 'Interleukin-1 receptor-associated kinase 4'
2 non-polymer ~{N}1-(7,8-dihydro-6~{H}-cyclopenta[2,3]thieno[2,4-~{c}]pyrimidin-1-yl)-~{N}4,~{N}4-dimethyl-cyclohexane-1,4-diamine
3 non-polymer 'SULFATE ION'
4 water water
#
_entity_poly.entity_id   1
_entity_poly.type   'polypeptide(L)'
_entity_poly.pdbx_seq_one_letter_code
;VSDTRFHSFSFYELKNVTNNFDERPISVGGNKMGEGGFGVVYKGYVNNTTVAVKKLAAMVDITTEELKQQFDQEIKVMAK
CQHENLVELLGFSSDGDDLCLVYVYMPNGSLLDRLSCLDGTPPLSWHMRCKIAQGAANGINFLHENHHIHRDIKSANILL
DEAFTAKISDFGLARASEKFAQTVM(TPO)(SEP)RIVGTTAYMAPEALRGEITPKSDIYSFGVVLLEIITGLPAVDEHR
EPQLLLDIKEEIEDEEKTIEDYIDKKMNDADSTSVEAMYSVASQCLHEKKNKRPDIKKVQQLLQEMTAS
;
_entity_poly.pdbx_strand_id   A,B,C,D
#
loop_
_chem_comp.id
_chem_comp.type
_chem_comp.name
_chem_comp.formula
6QX non-polymer ~{N}1-(7,8-dihydro-6~{H}-cyclopenta[2,3]thieno[2,4-~{c}]pyrimidin-1-yl)-~{N}4,~{N}4-dimethyl-cyclohexane-1,4-diamine 'C17 H24 N4 S'
SO4 non-polymer 'SULFATE ION' 'O4 S -2'
#
# COMPACT_ATOMS: atom_id res chain seq x y z
N ARG A 5 -25.33 2.42 -40.46
CA ARG A 5 -24.55 1.21 -40.15
C ARG A 5 -23.26 1.56 -39.39
N PHE A 6 -22.07 1.43 -40.04
CA PHE A 6 -20.76 1.73 -39.45
C PHE A 6 -20.09 2.87 -40.20
N HIS A 7 -19.19 3.59 -39.51
CA HIS A 7 -18.45 4.70 -40.12
C HIS A 7 -17.33 4.20 -41.03
N SER A 8 -17.23 4.76 -42.24
CA SER A 8 -16.19 4.41 -43.19
C SER A 8 -15.00 5.36 -42.99
N PHE A 9 -13.91 4.84 -42.39
CA PHE A 9 -12.71 5.63 -42.14
C PHE A 9 -11.70 5.43 -43.25
N SER A 10 -10.96 6.49 -43.58
CA SER A 10 -9.87 6.41 -44.54
C SER A 10 -8.66 5.99 -43.70
N PHE A 11 -7.68 5.27 -44.30
CA PHE A 11 -6.50 4.79 -43.59
C PHE A 11 -5.68 5.90 -42.93
N TYR A 12 -5.64 7.10 -43.57
CA TYR A 12 -4.92 8.29 -43.08
C TYR A 12 -5.49 8.79 -41.74
N GLU A 13 -6.83 8.72 -41.56
CA GLU A 13 -7.53 9.11 -40.32
C GLU A 13 -7.09 8.23 -39.16
N LEU A 14 -7.02 6.90 -39.37
CA LEU A 14 -6.64 5.94 -38.33
C LEU A 14 -5.14 5.98 -38.04
N LYS A 15 -4.35 6.35 -39.05
CA LYS A 15 -2.90 6.55 -38.98
C LYS A 15 -2.60 7.67 -37.97
N ASN A 16 -3.28 8.83 -38.09
CA ASN A 16 -3.12 9.98 -37.20
C ASN A 16 -3.64 9.79 -35.78
N VAL A 17 -4.87 9.26 -35.61
CA VAL A 17 -5.52 9.08 -34.30
C VAL A 17 -4.77 8.06 -33.41
N THR A 18 -3.97 7.15 -34.02
CA THR A 18 -3.16 6.16 -33.31
C THR A 18 -1.70 6.65 -33.17
N ASN A 19 -1.45 7.95 -33.46
CA ASN A 19 -0.13 8.61 -33.41
C ASN A 19 0.87 7.85 -34.30
N ASN A 20 0.49 7.67 -35.59
CA ASN A 20 1.22 6.95 -36.65
C ASN A 20 1.48 5.48 -36.24
N PHE A 21 0.41 4.79 -35.75
CA PHE A 21 0.43 3.40 -35.26
C PHE A 21 1.62 3.15 -34.32
N ASP A 22 1.71 3.98 -33.26
CA ASP A 22 2.77 3.95 -32.24
C ASP A 22 2.79 2.60 -31.56
N GLU A 23 3.73 1.73 -32.00
CA GLU A 23 3.92 0.35 -31.54
C GLU A 23 4.46 0.22 -30.10
N ARG A 24 4.81 1.35 -29.44
CA ARG A 24 5.26 1.34 -28.05
C ARG A 24 4.04 1.07 -27.15
N PRO A 25 4.19 0.38 -25.99
CA PRO A 25 3.03 0.18 -25.10
C PRO A 25 2.50 1.49 -24.50
N ILE A 26 1.23 1.47 -24.05
CA ILE A 26 0.51 2.59 -23.40
C ILE A 26 1.33 3.17 -22.23
N SER A 27 1.90 2.28 -21.39
CA SER A 27 2.72 2.59 -20.21
C SER A 27 3.97 3.43 -20.52
N VAL A 28 4.53 3.31 -21.74
CA VAL A 28 5.73 4.06 -22.15
C VAL A 28 5.33 5.31 -23.00
N GLY A 29 4.03 5.59 -23.09
CA GLY A 29 3.50 6.73 -23.83
C GLY A 29 3.14 6.45 -25.27
N GLY A 30 3.06 5.17 -25.64
CA GLY A 30 2.72 4.73 -26.99
C GLY A 30 1.23 4.47 -27.15
N ASN A 31 0.87 3.78 -28.23
CA ASN A 31 -0.54 3.48 -28.53
C ASN A 31 -0.86 1.97 -28.55
N LYS A 32 0.09 1.09 -28.29
CA LYS A 32 -0.26 -0.31 -28.30
C LYS A 32 -0.96 -0.80 -27.03
N MET A 33 -2.18 -1.31 -27.18
CA MET A 33 -2.84 -2.17 -26.21
C MET A 33 -2.19 -3.56 -26.21
N GLY A 34 -2.13 -4.18 -27.37
CA GLY A 34 -1.44 -5.47 -27.52
C GLY A 34 -1.72 -6.10 -28.86
N GLU A 35 -1.51 -7.44 -28.98
CA GLU A 35 -1.71 -8.21 -30.21
C GLU A 35 -2.90 -9.16 -30.02
N GLY A 39 -3.74 -9.59 -35.86
CA GLY A 39 -3.38 -8.18 -35.87
C GLY A 39 -3.01 -7.53 -34.54
N VAL A 40 -2.52 -6.27 -34.64
CA VAL A 40 -2.11 -5.44 -33.49
C VAL A 40 -3.25 -4.47 -33.17
N VAL A 41 -3.53 -4.29 -31.86
CA VAL A 41 -4.59 -3.42 -31.34
C VAL A 41 -3.95 -2.12 -30.81
N TYR A 42 -4.43 -0.98 -31.30
CA TYR A 42 -3.94 0.34 -30.90
C TYR A 42 -5.03 1.18 -30.31
N LYS A 43 -4.68 2.01 -29.31
CA LYS A 43 -5.59 2.96 -28.68
C LYS A 43 -5.62 4.21 -29.58
N GLY A 44 -6.81 4.71 -29.85
CA GLY A 44 -7.01 5.88 -30.69
C GLY A 44 -8.00 6.85 -30.08
N TYR A 45 -8.01 8.10 -30.58
CA TYR A 45 -8.94 9.12 -30.12
C TYR A 45 -9.65 9.78 -31.29
N VAL A 46 -10.97 9.57 -31.40
CA VAL A 46 -11.75 10.12 -32.50
C VAL A 46 -13.01 10.81 -31.96
N ASN A 47 -13.08 12.14 -32.17
CA ASN A 47 -14.18 13.01 -31.75
C ASN A 47 -14.50 12.86 -30.25
N ASN A 48 -13.50 13.16 -29.40
CA ASN A 48 -13.50 13.09 -27.92
C ASN A 48 -13.67 11.64 -27.36
N THR A 49 -13.86 10.65 -28.25
CA THR A 49 -14.09 9.24 -27.89
C THR A 49 -12.82 8.40 -28.07
N THR A 50 -12.52 7.54 -27.07
CA THR A 50 -11.39 6.61 -27.10
C THR A 50 -11.80 5.35 -27.86
N VAL A 51 -10.98 4.93 -28.83
CA VAL A 51 -11.26 3.79 -29.69
C VAL A 51 -10.15 2.76 -29.70
N ALA A 52 -10.47 1.53 -30.12
CA ALA A 52 -9.55 0.43 -30.32
C ALA A 52 -9.50 0.19 -31.81
N VAL A 53 -8.31 0.35 -32.38
CA VAL A 53 -8.10 0.16 -33.81
C VAL A 53 -7.27 -1.09 -34.01
N LYS A 54 -7.88 -2.10 -34.65
CA LYS A 54 -7.23 -3.36 -34.91
C LYS A 54 -6.74 -3.34 -36.33
N LYS A 55 -5.42 -3.23 -36.51
CA LYS A 55 -4.80 -3.24 -37.84
C LYS A 55 -4.50 -4.70 -38.14
N LEU A 56 -5.23 -5.27 -39.13
CA LEU A 56 -5.09 -6.68 -39.50
C LEU A 56 -3.76 -6.98 -40.17
N ALA A 57 -3.08 -8.03 -39.69
CA ALA A 57 -1.80 -8.51 -40.21
C ALA A 57 -1.70 -10.03 -40.15
N LEU A 67 -7.49 -13.48 -44.30
CA LEU A 67 -7.49 -12.28 -43.48
C LEU A 67 -8.62 -11.33 -43.92
N LYS A 68 -8.88 -11.25 -45.24
CA LYS A 68 -9.96 -10.41 -45.81
C LYS A 68 -11.33 -11.03 -45.50
N GLN A 69 -11.43 -12.38 -45.51
CA GLN A 69 -12.69 -13.07 -45.22
C GLN A 69 -13.10 -12.88 -43.75
N GLN A 70 -12.10 -12.86 -42.84
CA GLN A 70 -12.30 -12.63 -41.42
C GLN A 70 -12.74 -11.18 -41.17
N PHE A 71 -12.24 -10.22 -41.99
CA PHE A 71 -12.59 -8.79 -41.96
C PHE A 71 -14.06 -8.63 -42.36
N ASP A 72 -14.47 -9.27 -43.48
CA ASP A 72 -15.84 -9.27 -44.01
C ASP A 72 -16.83 -9.94 -43.05
N GLN A 73 -16.44 -11.11 -42.48
CA GLN A 73 -17.27 -11.86 -41.53
C GLN A 73 -17.52 -11.07 -40.24
N GLU A 74 -16.46 -10.37 -39.75
CA GLU A 74 -16.57 -9.54 -38.55
C GLU A 74 -17.58 -8.42 -38.75
N ILE A 75 -17.53 -7.71 -39.89
CA ILE A 75 -18.46 -6.63 -40.26
C ILE A 75 -19.91 -7.17 -40.40
N LYS A 76 -20.07 -8.33 -41.08
CA LYS A 76 -21.37 -8.99 -41.29
C LYS A 76 -22.08 -9.35 -39.97
N VAL A 77 -21.35 -10.04 -39.06
CA VAL A 77 -21.84 -10.46 -37.75
C VAL A 77 -22.14 -9.24 -36.86
N MET A 78 -21.23 -8.23 -36.85
CA MET A 78 -21.37 -6.99 -36.06
C MET A 78 -22.59 -6.18 -36.45
N ALA A 79 -22.93 -6.14 -37.76
CA ALA A 79 -24.08 -5.41 -38.30
C ALA A 79 -25.40 -6.05 -37.84
N LYS A 80 -25.39 -7.38 -37.72
CA LYS A 80 -26.55 -8.18 -37.31
C LYS A 80 -26.70 -8.29 -35.79
N CYS A 81 -25.57 -8.40 -35.06
CA CYS A 81 -25.57 -8.61 -33.61
C CYS A 81 -25.04 -7.43 -32.80
N GLN A 82 -25.95 -6.74 -32.12
CA GLN A 82 -25.72 -5.59 -31.25
C GLN A 82 -26.32 -5.95 -29.90
N HIS A 83 -25.46 -6.02 -28.86
CA HIS A 83 -25.86 -6.42 -27.50
C HIS A 83 -24.90 -5.83 -26.44
N GLU A 84 -25.40 -5.71 -25.18
CA GLU A 84 -24.65 -5.19 -24.03
CA GLU A 84 -24.69 -5.22 -23.98
C GLU A 84 -23.41 -6.03 -23.71
N ASN A 85 -23.43 -7.34 -24.04
CA ASN A 85 -22.31 -8.21 -23.78
C ASN A 85 -21.53 -8.62 -25.05
N LEU A 86 -21.61 -7.79 -26.08
CA LEU A 86 -20.83 -7.98 -27.30
C LEU A 86 -20.06 -6.71 -27.53
N VAL A 87 -18.79 -6.82 -27.95
CA VAL A 87 -17.98 -5.62 -28.25
C VAL A 87 -18.64 -4.89 -29.44
N GLU A 88 -18.69 -3.56 -29.40
CA GLU A 88 -19.35 -2.80 -30.46
C GLU A 88 -18.36 -2.32 -31.49
N LEU A 89 -18.68 -2.54 -32.79
CA LEU A 89 -17.88 -2.05 -33.91
C LEU A 89 -18.40 -0.67 -34.25
N LEU A 90 -17.50 0.32 -34.35
CA LEU A 90 -17.84 1.70 -34.70
C LEU A 90 -17.64 1.96 -36.18
N GLY A 91 -16.60 1.35 -36.76
CA GLY A 91 -16.25 1.52 -38.16
C GLY A 91 -15.16 0.62 -38.68
N PHE A 92 -14.67 0.93 -39.89
CA PHE A 92 -13.65 0.15 -40.60
C PHE A 92 -12.89 1.00 -41.64
N SER A 93 -11.77 0.44 -42.13
CA SER A 93 -10.92 1.02 -43.17
C SER A 93 -10.42 -0.11 -44.08
N SER A 94 -10.55 0.07 -45.40
CA SER A 94 -10.10 -0.90 -46.39
C SER A 94 -9.29 -0.28 -47.54
N ASP A 95 -9.20 1.08 -47.59
CA ASP A 95 -8.46 1.83 -48.62
C ASP A 95 -6.94 1.65 -48.39
N GLY A 96 -6.26 1.17 -49.42
CA GLY A 96 -4.83 0.92 -49.37
C GLY A 96 -4.48 -0.31 -48.54
N LEU A 99 -6.00 -3.41 -43.67
CA LEU A 99 -7.40 -3.52 -43.24
C LEU A 99 -7.49 -3.18 -41.76
N CYS A 100 -8.38 -2.23 -41.42
CA CYS A 100 -8.57 -1.80 -40.04
C CYS A 100 -10.02 -1.93 -39.58
N LEU A 101 -10.19 -2.27 -38.31
CA LEU A 101 -11.50 -2.38 -37.68
C LEU A 101 -11.48 -1.51 -36.43
N VAL A 102 -12.47 -0.60 -36.33
CA VAL A 102 -12.55 0.35 -35.21
C VAL A 102 -13.67 -0.07 -34.27
N TYR A 103 -13.33 -0.23 -32.99
CA TYR A 103 -14.27 -0.66 -31.96
C TYR A 103 -14.35 0.31 -30.81
N VAL A 104 -15.37 0.17 -29.95
CA VAL A 104 -15.48 0.90 -28.68
C VAL A 104 -14.34 0.31 -27.82
N TYR A 105 -13.50 1.17 -27.24
CA TYR A 105 -12.33 0.76 -26.46
C TYR A 105 -12.70 0.16 -25.13
N MET A 106 -12.09 -1.00 -24.82
CA MET A 106 -12.28 -1.75 -23.58
C MET A 106 -11.10 -1.47 -22.66
N PRO A 107 -11.24 -0.52 -21.70
CA PRO A 107 -10.10 -0.12 -20.87
C PRO A 107 -9.49 -1.18 -19.97
N ASN A 108 -10.25 -2.24 -19.64
CA ASN A 108 -9.75 -3.27 -18.74
C ASN A 108 -9.33 -4.56 -19.44
N GLY A 109 -9.02 -4.44 -20.72
CA GLY A 109 -8.46 -5.52 -21.52
C GLY A 109 -9.26 -6.80 -21.54
N SER A 110 -8.55 -7.94 -21.54
CA SER A 110 -9.24 -9.23 -21.60
C SER A 110 -9.37 -9.87 -20.23
N LEU A 111 -10.26 -10.85 -20.11
CA LEU A 111 -10.47 -11.63 -18.88
C LEU A 111 -9.23 -12.47 -18.57
N LEU A 112 -8.54 -13.00 -19.62
CA LEU A 112 -7.30 -13.78 -19.48
C LEU A 112 -6.25 -12.95 -18.73
N ASP A 113 -6.03 -11.70 -19.17
CA ASP A 113 -5.07 -10.76 -18.57
C ASP A 113 -5.43 -10.42 -17.13
N ARG A 114 -6.72 -10.21 -16.87
CA ARG A 114 -7.18 -9.85 -15.51
C ARG A 114 -7.11 -11.04 -14.55
N LEU A 115 -7.30 -12.26 -15.05
CA LEU A 115 -7.19 -13.47 -14.22
C LEU A 115 -5.72 -13.75 -13.88
N SER A 116 -4.80 -13.36 -14.78
CA SER A 116 -3.37 -13.54 -14.55
C SER A 116 -2.74 -12.33 -13.86
N CYS A 117 -3.54 -11.26 -13.60
CA CYS A 117 -3.09 -10.00 -12.95
C CYS A 117 -1.95 -9.35 -13.71
N LEU A 118 -2.02 -9.44 -15.05
CA LEU A 118 -1.03 -8.86 -15.96
C LEU A 118 -0.86 -7.35 -15.72
N ASP A 119 0.42 -6.90 -15.69
CA ASP A 119 0.86 -5.52 -15.51
C ASP A 119 0.45 -4.91 -14.13
N GLY A 120 0.39 -5.75 -13.10
CA GLY A 120 0.12 -5.36 -11.71
C GLY A 120 -1.31 -5.07 -11.33
N THR A 121 -2.28 -5.47 -12.18
CA THR A 121 -3.71 -5.24 -11.87
C THR A 121 -4.16 -6.10 -10.69
N PRO A 122 -5.02 -5.58 -9.77
CA PRO A 122 -5.42 -6.39 -8.61
C PRO A 122 -6.27 -7.60 -8.99
N PRO A 123 -6.22 -8.73 -8.22
CA PRO A 123 -7.06 -9.89 -8.60
C PRO A 123 -8.55 -9.53 -8.61
N LEU A 124 -9.32 -10.16 -9.50
CA LEU A 124 -10.75 -9.97 -9.57
C LEU A 124 -11.38 -10.69 -8.36
N SER A 125 -12.34 -10.05 -7.71
CA SER A 125 -13.05 -10.64 -6.58
C SER A 125 -14.05 -11.66 -7.12
N TRP A 126 -14.58 -12.52 -6.22
CA TRP A 126 -15.57 -13.54 -6.60
C TRP A 126 -16.85 -12.86 -7.12
N HIS A 127 -17.26 -11.76 -6.48
CA HIS A 127 -18.42 -10.94 -6.88
C HIS A 127 -18.29 -10.49 -8.33
N MET A 128 -17.10 -9.92 -8.71
CA MET A 128 -16.80 -9.44 -10.06
CA MET A 128 -16.89 -9.46 -10.07
C MET A 128 -16.80 -10.63 -11.05
N ARG A 129 -16.20 -11.74 -10.63
CA ARG A 129 -16.10 -12.96 -11.44
C ARG A 129 -17.49 -13.53 -11.79
N CYS A 130 -18.46 -13.47 -10.84
CA CYS A 130 -19.83 -13.94 -11.05
C CYS A 130 -20.57 -13.09 -12.07
N LYS A 131 -20.39 -11.77 -11.99
CA LYS A 131 -20.97 -10.79 -12.92
C LYS A 131 -20.38 -10.99 -14.33
N ILE A 132 -19.06 -11.27 -14.43
CA ILE A 132 -18.37 -11.50 -15.70
C ILE A 132 -18.89 -12.77 -16.39
N ALA A 133 -19.03 -13.87 -15.61
CA ALA A 133 -19.54 -15.16 -16.09
C ALA A 133 -20.95 -15.02 -16.63
N GLN A 134 -21.82 -14.26 -15.91
CA GLN A 134 -23.20 -13.99 -16.30
C GLN A 134 -23.24 -13.18 -17.59
N GLY A 135 -22.43 -12.13 -17.63
CA GLY A 135 -22.32 -11.24 -18.79
C GLY A 135 -21.87 -11.98 -20.02
N ALA A 136 -20.81 -12.80 -19.90
CA ALA A 136 -20.30 -13.61 -21.02
C ALA A 136 -21.35 -14.59 -21.55
N ALA A 137 -22.13 -15.23 -20.65
CA ALA A 137 -23.20 -16.16 -20.99
C ALA A 137 -24.35 -15.45 -21.73
N ASN A 138 -24.65 -14.20 -21.32
CA ASN A 138 -25.68 -13.37 -21.96
C ASN A 138 -25.25 -13.01 -23.40
N GLY A 139 -23.96 -12.80 -23.60
CA GLY A 139 -23.39 -12.50 -24.90
C GLY A 139 -23.47 -13.68 -25.86
N ILE A 140 -23.09 -14.87 -25.37
CA ILE A 140 -23.14 -16.12 -26.15
C ILE A 140 -24.58 -16.44 -26.50
N ASN A 141 -25.51 -16.24 -25.53
CA ASN A 141 -26.95 -16.47 -25.72
C ASN A 141 -27.51 -15.66 -26.87
N PHE A 142 -27.13 -14.38 -26.95
CA PHE A 142 -27.55 -13.49 -28.01
C PHE A 142 -27.05 -13.99 -29.37
N LEU A 143 -25.78 -14.45 -29.43
CA LEU A 143 -25.18 -14.97 -30.65
C LEU A 143 -25.90 -16.21 -31.15
N HIS A 144 -26.23 -17.13 -30.23
CA HIS A 144 -26.93 -18.38 -30.53
C HIS A 144 -28.39 -18.15 -30.93
N GLU A 145 -29.07 -17.14 -30.32
CA GLU A 145 -30.44 -16.75 -30.66
C GLU A 145 -30.49 -16.18 -32.08
N ASN A 146 -29.39 -15.53 -32.51
CA ASN A 146 -29.23 -14.96 -33.85
C ASN A 146 -28.54 -15.94 -34.81
N HIS A 147 -28.58 -17.25 -34.46
CA HIS A 147 -28.07 -18.39 -35.22
C HIS A 147 -26.60 -18.24 -35.64
N HIS A 148 -25.75 -17.78 -34.72
CA HIS A 148 -24.32 -17.62 -34.93
C HIS A 148 -23.51 -18.44 -33.96
N ILE A 149 -22.49 -19.14 -34.48
CA ILE A 149 -21.56 -19.94 -33.69
C ILE A 149 -20.28 -19.11 -33.66
N HIS A 150 -19.75 -18.85 -32.46
CA HIS A 150 -18.55 -18.05 -32.30
C HIS A 150 -17.29 -18.73 -32.86
N ARG A 151 -17.07 -20.00 -32.46
CA ARG A 151 -15.99 -20.92 -32.86
C ARG A 151 -14.66 -20.67 -32.14
N ASP A 152 -14.52 -19.57 -31.37
CA ASP A 152 -13.29 -19.30 -30.64
C ASP A 152 -13.56 -18.68 -29.26
N ILE A 153 -14.44 -19.31 -28.48
CA ILE A 153 -14.75 -18.80 -27.14
C ILE A 153 -13.59 -19.17 -26.23
N LYS A 154 -13.03 -18.14 -25.58
CA LYS A 154 -11.90 -18.20 -24.66
C LYS A 154 -11.81 -16.89 -23.88
N SER A 155 -11.09 -16.92 -22.73
CA SER A 155 -10.90 -15.76 -21.87
C SER A 155 -10.21 -14.57 -22.58
N ALA A 156 -9.34 -14.83 -23.58
CA ALA A 156 -8.67 -13.78 -24.36
C ALA A 156 -9.67 -13.05 -25.26
N ASN A 157 -10.82 -13.70 -25.56
CA ASN A 157 -11.88 -13.14 -26.41
C ASN A 157 -13.05 -12.57 -25.60
N ILE A 158 -12.86 -12.42 -24.29
CA ILE A 158 -13.86 -11.83 -23.39
C ILE A 158 -13.20 -10.57 -22.87
N LEU A 159 -13.70 -9.43 -23.36
CA LEU A 159 -13.16 -8.13 -23.00
C LEU A 159 -13.92 -7.48 -21.86
N LEU A 160 -13.26 -6.51 -21.18
CA LEU A 160 -13.81 -5.86 -20.01
C LEU A 160 -13.81 -4.35 -20.14
N ASP A 161 -15.02 -3.75 -20.06
CA ASP A 161 -15.23 -2.31 -20.20
C ASP A 161 -14.86 -1.55 -18.92
N GLU A 162 -15.19 -0.26 -18.88
CA GLU A 162 -14.90 0.62 -17.75
C GLU A 162 -15.60 0.21 -16.41
N ALA A 163 -16.63 -0.67 -16.47
CA ALA A 163 -17.38 -1.17 -15.32
C ALA A 163 -17.12 -2.68 -15.15
N PHE A 164 -16.14 -3.23 -15.88
CA PHE A 164 -15.78 -4.66 -15.89
C PHE A 164 -16.95 -5.53 -16.40
N THR A 165 -17.77 -4.98 -17.29
CA THR A 165 -18.86 -5.70 -17.96
C THR A 165 -18.20 -6.57 -19.05
N ALA A 166 -18.55 -7.85 -19.12
CA ALA A 166 -18.00 -8.79 -20.09
C ALA A 166 -18.51 -8.51 -21.51
N LYS A 167 -17.60 -8.46 -22.49
CA LYS A 167 -17.94 -8.20 -23.89
C LYS A 167 -17.22 -9.22 -24.79
N ILE A 168 -17.98 -10.16 -25.37
CA ILE A 168 -17.44 -11.19 -26.26
C ILE A 168 -16.91 -10.48 -27.50
N SER A 169 -15.70 -10.88 -27.94
CA SER A 169 -15.03 -10.31 -29.10
C SER A 169 -14.56 -11.38 -30.07
N ASP A 170 -14.07 -10.93 -31.22
CA ASP A 170 -13.50 -11.68 -32.33
C ASP A 170 -14.52 -12.60 -33.00
N PHE A 171 -15.26 -12.02 -33.94
CA PHE A 171 -16.28 -12.71 -34.73
C PHE A 171 -15.78 -13.01 -36.15
N GLY A 172 -14.45 -12.99 -36.32
CA GLY A 172 -13.78 -13.26 -37.57
C GLY A 172 -13.95 -14.70 -38.07
N LEU A 173 -14.05 -15.68 -37.13
CA LEU A 173 -14.26 -17.10 -37.43
C LEU A 173 -15.73 -17.54 -37.21
N ALA A 174 -16.63 -16.60 -36.87
CA ALA A 174 -18.06 -16.88 -36.62
C ALA A 174 -18.79 -17.46 -37.84
N ARG A 175 -19.74 -18.38 -37.58
CA ARG A 175 -20.51 -19.04 -38.63
C ARG A 175 -22.01 -18.93 -38.43
N VAL A 184 -22.82 -29.81 -39.53
CA VAL A 184 -22.00 -29.08 -40.50
C VAL A 184 -20.52 -29.41 -40.28
N MET A 185 -19.79 -29.72 -41.37
CA MET A 185 -18.37 -30.06 -41.33
C MET A 185 -17.49 -29.06 -42.05
N TPO A 186 -16.19 -29.05 -41.71
CA TPO A 186 -15.19 -28.17 -42.31
CB TPO A 186 -14.96 -26.81 -41.56
CG2 TPO A 186 -14.38 -26.93 -40.13
OG1 TPO A 186 -14.15 -25.86 -42.32
P TPO A 186 -14.81 -25.17 -43.56
O1P TPO A 186 -14.53 -26.01 -44.80
O2P TPO A 186 -16.34 -24.98 -43.43
O3P TPO A 186 -14.26 -23.76 -43.76
C TPO A 186 -13.87 -28.90 -42.54
O TPO A 186 -13.52 -29.83 -41.81
N SEP A 187 -13.12 -28.47 -43.59
CA SEP A 187 -11.81 -29.01 -43.94
CB SEP A 187 -11.64 -29.15 -45.45
OG SEP A 187 -11.62 -27.85 -46.09
C SEP A 187 -10.70 -28.19 -43.28
O SEP A 187 -9.57 -28.65 -43.18
P SEP A 187 -11.83 -27.98 -47.63
O1P SEP A 187 -12.53 -26.71 -48.10
O2P SEP A 187 -12.73 -29.13 -48.17
O3P SEP A 187 -10.49 -28.08 -48.35
N ARG A 188 -11.05 -26.98 -42.80
CA ARG A 188 -10.14 -26.05 -42.12
C ARG A 188 -10.53 -25.93 -40.63
N ILE A 189 -9.87 -26.73 -39.78
CA ILE A 189 -10.11 -26.74 -38.33
C ILE A 189 -9.45 -25.50 -37.72
N VAL A 190 -10.27 -24.59 -37.17
CA VAL A 190 -9.82 -23.33 -36.55
C VAL A 190 -10.34 -23.18 -35.11
N GLY A 191 -9.54 -22.53 -34.28
CA GLY A 191 -9.83 -22.29 -32.87
C GLY A 191 -8.62 -22.49 -31.98
N THR A 192 -8.84 -22.44 -30.66
CA THR A 192 -7.76 -22.61 -29.67
C THR A 192 -7.91 -24.00 -29.03
N THR A 193 -6.95 -24.89 -29.34
CA THR A 193 -6.85 -26.31 -28.93
C THR A 193 -7.26 -26.59 -27.46
N ALA A 194 -6.72 -25.79 -26.51
CA ALA A 194 -6.99 -25.92 -25.07
C ALA A 194 -8.47 -25.68 -24.66
N TYR A 195 -9.23 -24.99 -25.51
CA TYR A 195 -10.63 -24.64 -25.27
C TYR A 195 -11.61 -25.45 -26.12
N MET A 196 -11.15 -25.99 -27.26
CA MET A 196 -11.96 -26.71 -28.25
C MET A 196 -12.59 -28.02 -27.78
N ALA A 197 -13.84 -28.22 -28.17
CA ALA A 197 -14.61 -29.43 -27.89
C ALA A 197 -14.06 -30.60 -28.73
N PRO A 198 -14.18 -31.87 -28.28
CA PRO A 198 -13.65 -32.99 -29.09
C PRO A 198 -14.14 -32.99 -30.55
N GLU A 199 -15.45 -32.76 -30.78
CA GLU A 199 -16.03 -32.73 -32.12
C GLU A 199 -15.52 -31.55 -32.97
N ALA A 200 -15.16 -30.42 -32.32
CA ALA A 200 -14.62 -29.23 -32.99
C ALA A 200 -13.22 -29.52 -33.53
N LEU A 201 -12.44 -30.33 -32.78
CA LEU A 201 -11.10 -30.79 -33.20
C LEU A 201 -11.24 -31.78 -34.35
N ARG A 202 -12.42 -32.43 -34.47
CA ARG A 202 -12.78 -33.40 -35.52
C ARG A 202 -13.33 -32.75 -36.80
N GLY A 203 -13.58 -31.44 -36.77
CA GLY A 203 -14.05 -30.67 -37.93
C GLY A 203 -15.51 -30.27 -37.91
N GLU A 204 -16.23 -30.60 -36.85
CA GLU A 204 -17.63 -30.26 -36.80
C GLU A 204 -17.87 -28.83 -36.37
N ILE A 205 -18.92 -28.22 -36.88
CA ILE A 205 -19.34 -26.85 -36.57
C ILE A 205 -20.72 -26.95 -35.94
N THR A 206 -20.81 -26.69 -34.60
CA THR A 206 -22.05 -26.77 -33.82
C THR A 206 -22.05 -25.74 -32.68
N PRO A 207 -23.21 -25.12 -32.33
CA PRO A 207 -23.23 -24.19 -31.19
C PRO A 207 -22.89 -24.85 -29.85
N LYS A 208 -22.95 -26.19 -29.79
CA LYS A 208 -22.63 -27.00 -28.61
C LYS A 208 -21.12 -26.96 -28.31
N SER A 209 -20.30 -26.67 -29.33
CA SER A 209 -18.84 -26.54 -29.18
C SER A 209 -18.52 -25.26 -28.40
N ASP A 210 -19.35 -24.19 -28.59
CA ASP A 210 -19.20 -22.92 -27.88
C ASP A 210 -19.49 -23.12 -26.39
N ILE A 211 -20.45 -24.02 -26.06
CA ILE A 211 -20.83 -24.39 -24.70
C ILE A 211 -19.63 -25.03 -23.97
N TYR A 212 -18.96 -25.98 -24.64
CA TYR A 212 -17.79 -26.68 -24.12
C TYR A 212 -16.66 -25.68 -23.80
N SER A 213 -16.36 -24.77 -24.75
CA SER A 213 -15.36 -23.71 -24.61
C SER A 213 -15.68 -22.76 -23.48
N PHE A 214 -16.98 -22.45 -23.27
CA PHE A 214 -17.40 -21.60 -22.16
C PHE A 214 -17.17 -22.31 -20.82
N GLY A 215 -17.26 -23.65 -20.83
CA GLY A 215 -17.01 -24.48 -19.67
C GLY A 215 -15.57 -24.35 -19.19
N VAL A 216 -14.62 -24.25 -20.15
CA VAL A 216 -13.19 -24.06 -19.91
C VAL A 216 -13.00 -22.67 -19.29
N VAL A 217 -13.68 -21.65 -19.84
CA VAL A 217 -13.63 -20.26 -19.34
C VAL A 217 -14.10 -20.20 -17.87
N LEU A 218 -15.19 -20.91 -17.55
CA LEU A 218 -15.72 -20.97 -16.18
C LEU A 218 -14.71 -21.57 -15.21
N LEU A 219 -13.95 -22.59 -15.68
CA LEU A 219 -12.89 -23.21 -14.87
C LEU A 219 -11.75 -22.20 -14.67
N GLU A 220 -11.43 -21.39 -15.69
CA GLU A 220 -10.39 -20.35 -15.60
C GLU A 220 -10.81 -19.30 -14.57
N ILE A 221 -12.13 -18.94 -14.54
CA ILE A 221 -12.71 -17.97 -13.61
C ILE A 221 -12.59 -18.46 -12.15
N ILE A 222 -12.93 -19.73 -11.90
CA ILE A 222 -12.89 -20.35 -10.57
C ILE A 222 -11.46 -20.51 -10.06
N THR A 223 -10.56 -21.01 -10.93
CA THR A 223 -9.19 -21.36 -10.57
C THR A 223 -8.16 -20.24 -10.71
N GLY A 224 -8.40 -19.30 -11.62
CA GLY A 224 -7.43 -18.26 -11.96
C GLY A 224 -6.25 -18.83 -12.74
N LEU A 225 -6.36 -20.09 -13.23
CA LEU A 225 -5.33 -20.82 -13.98
C LEU A 225 -5.61 -20.77 -15.48
N PRO A 226 -4.57 -20.64 -16.33
CA PRO A 226 -4.80 -20.67 -17.80
C PRO A 226 -5.23 -22.05 -18.28
N ALA A 227 -5.97 -22.10 -19.39
CA ALA A 227 -6.46 -23.35 -20.01
C ALA A 227 -5.35 -24.36 -20.32
N VAL A 228 -4.15 -23.87 -20.68
CA VAL A 228 -2.97 -24.67 -20.99
C VAL A 228 -1.72 -24.04 -20.34
N ASP A 229 -0.89 -24.88 -19.76
CA ASP A 229 0.39 -24.49 -19.17
C ASP A 229 1.31 -25.70 -19.36
N GLU A 230 2.30 -25.57 -20.27
CA GLU A 230 3.22 -26.67 -20.60
C GLU A 230 4.10 -27.11 -19.43
N HIS A 231 4.42 -26.17 -18.51
CA HIS A 231 5.23 -26.46 -17.33
C HIS A 231 4.35 -26.79 -16.11
N ARG A 232 3.12 -27.30 -16.33
CA ARG A 232 2.15 -27.67 -15.29
C ARG A 232 1.66 -29.12 -15.44
N GLU A 233 1.30 -29.74 -14.30
CA GLU A 233 0.77 -31.09 -14.22
C GLU A 233 -0.62 -31.05 -13.53
N PRO A 234 -1.75 -31.23 -14.26
CA PRO A 234 -1.87 -31.51 -15.71
C PRO A 234 -1.73 -30.27 -16.57
N GLN A 235 -1.23 -30.44 -17.81
CA GLN A 235 -1.04 -29.32 -18.74
C GLN A 235 -2.33 -28.61 -19.11
N LEU A 236 -3.41 -29.38 -19.35
CA LEU A 236 -4.72 -28.84 -19.72
C LEU A 236 -5.66 -28.74 -18.54
N LEU A 237 -6.33 -27.58 -18.41
CA LEU A 237 -7.26 -27.27 -17.32
C LEU A 237 -8.51 -28.14 -17.29
N LEU A 238 -9.08 -28.47 -18.46
CA LEU A 238 -10.28 -29.31 -18.56
C LEU A 238 -10.11 -30.71 -17.93
N ASP A 239 -8.84 -31.12 -17.71
CA ASP A 239 -8.48 -32.40 -17.10
C ASP A 239 -8.69 -32.39 -15.58
N ILE A 240 -8.89 -31.20 -14.95
CA ILE A 240 -9.14 -31.07 -13.50
C ILE A 240 -10.54 -31.62 -13.19
N LYS A 241 -11.43 -31.60 -14.19
CA LYS A 241 -12.79 -32.15 -14.09
C LYS A 241 -12.71 -33.66 -13.81
N GLU A 242 -11.73 -34.36 -14.43
CA GLU A 242 -11.48 -35.79 -14.26
C GLU A 242 -10.96 -36.08 -12.86
N GLU A 243 -10.04 -35.25 -12.34
CA GLU A 243 -9.44 -35.38 -11.01
C GLU A 243 -10.49 -35.20 -9.91
N ILE A 244 -11.46 -34.29 -10.12
CA ILE A 244 -12.55 -34.02 -9.17
C ILE A 244 -13.56 -35.18 -9.16
N GLU A 245 -13.96 -35.67 -10.35
CA GLU A 245 -14.91 -36.79 -10.52
C GLU A 245 -14.34 -38.10 -9.98
N ASP A 246 -13.02 -38.34 -10.17
CA ASP A 246 -12.32 -39.53 -9.68
C ASP A 246 -11.95 -39.42 -8.19
N GLU A 247 -12.42 -38.35 -7.52
CA GLU A 247 -12.23 -38.02 -6.10
C GLU A 247 -10.75 -37.84 -5.68
N GLU A 248 -9.85 -37.63 -6.65
CA GLU A 248 -8.41 -37.42 -6.45
C GLU A 248 -8.17 -36.03 -5.82
N LYS A 249 -9.05 -35.08 -6.16
CA LYS A 249 -9.07 -33.69 -5.67
C LYS A 249 -10.51 -33.15 -5.61
N THR A 250 -10.69 -31.96 -5.04
CA THR A 250 -11.99 -31.32 -4.93
C THR A 250 -11.88 -29.94 -5.62
N ILE A 251 -13.02 -29.25 -5.82
CA ILE A 251 -13.05 -27.92 -6.41
C ILE A 251 -12.38 -26.92 -5.45
N GLU A 252 -12.49 -27.15 -4.13
CA GLU A 252 -11.91 -26.37 -3.04
C GLU A 252 -10.39 -26.27 -3.17
N ASP A 253 -9.73 -27.36 -3.63
CA ASP A 253 -8.28 -27.41 -3.85
C ASP A 253 -7.85 -26.55 -5.03
N TYR A 254 -8.78 -26.30 -5.98
CA TYR A 254 -8.51 -25.55 -7.18
C TYR A 254 -9.01 -24.11 -7.15
N ILE A 255 -9.82 -23.69 -6.16
CA ILE A 255 -10.33 -22.32 -6.05
C ILE A 255 -9.15 -21.35 -6.04
N ASP A 256 -9.21 -20.30 -6.86
CA ASP A 256 -8.19 -19.26 -6.89
C ASP A 256 -7.96 -18.71 -5.47
N LYS A 257 -6.74 -18.84 -4.95
CA LYS A 257 -6.38 -18.35 -3.61
C LYS A 257 -6.23 -16.83 -3.57
N LYS A 258 -6.25 -16.19 -4.76
CA LYS A 258 -6.15 -14.74 -4.90
C LYS A 258 -7.52 -14.05 -4.71
N MET A 259 -8.48 -14.73 -4.06
CA MET A 259 -9.80 -14.19 -3.72
C MET A 259 -9.97 -14.27 -2.20
N ASN A 260 -10.74 -13.33 -1.61
CA ASN A 260 -11.04 -13.36 -0.16
C ASN A 260 -12.58 -13.47 0.09
N ASP A 261 -13.38 -13.37 -0.98
CA ASP A 261 -14.84 -13.34 -0.92
C ASP A 261 -15.58 -14.53 -1.56
N ALA A 262 -14.86 -15.62 -1.87
CA ALA A 262 -15.50 -16.79 -2.46
C ALA A 262 -16.26 -17.61 -1.40
N ASP A 263 -17.52 -17.96 -1.67
CA ASP A 263 -18.29 -18.82 -0.76
C ASP A 263 -18.49 -20.18 -1.45
N SER A 264 -18.43 -21.27 -0.68
CA SER A 264 -18.54 -22.65 -1.17
C SER A 264 -19.75 -22.93 -2.04
N THR A 265 -20.94 -22.41 -1.66
CA THR A 265 -22.20 -22.61 -2.38
C THR A 265 -22.14 -22.08 -3.82
N SER A 266 -21.81 -20.80 -4.01
CA SER A 266 -21.76 -20.21 -5.35
C SER A 266 -20.59 -20.75 -6.20
N VAL A 267 -19.46 -21.14 -5.58
CA VAL A 267 -18.31 -21.72 -6.31
C VAL A 267 -18.71 -23.10 -6.86
N GLU A 268 -19.37 -23.94 -6.00
CA GLU A 268 -19.86 -25.27 -6.38
C GLU A 268 -20.94 -25.13 -7.47
N ALA A 269 -21.77 -24.07 -7.39
CA ALA A 269 -22.81 -23.79 -8.36
C ALA A 269 -22.19 -23.46 -9.71
N MET A 270 -21.11 -22.64 -9.75
CA MET A 270 -20.43 -22.31 -11.02
C MET A 270 -19.70 -23.53 -11.57
N TYR A 271 -19.08 -24.35 -10.68
CA TYR A 271 -18.39 -25.58 -11.07
C TYR A 271 -19.36 -26.57 -11.70
N SER A 272 -20.59 -26.68 -11.13
CA SER A 272 -21.63 -27.57 -11.63
C SER A 272 -22.00 -27.21 -13.06
N VAL A 273 -22.09 -25.89 -13.37
CA VAL A 273 -22.37 -25.37 -14.72
C VAL A 273 -21.21 -25.74 -15.66
N ALA A 274 -19.96 -25.50 -15.21
CA ALA A 274 -18.75 -25.82 -15.96
C ALA A 274 -18.67 -27.31 -16.29
N SER A 275 -18.95 -28.17 -15.30
CA SER A 275 -18.97 -29.63 -15.43
C SER A 275 -19.99 -30.08 -16.47
N GLN A 276 -21.19 -29.47 -16.46
CA GLN A 276 -22.26 -29.79 -17.40
C GLN A 276 -21.86 -29.39 -18.82
N CYS A 277 -21.19 -28.23 -18.95
CA CYS A 277 -20.68 -27.68 -20.22
C CYS A 277 -19.62 -28.57 -20.83
N LEU A 278 -18.78 -29.18 -19.98
CA LEU A 278 -17.65 -29.98 -20.38
C LEU A 278 -17.91 -31.47 -20.65
N HIS A 279 -19.20 -31.83 -20.87
CA HIS A 279 -19.57 -33.19 -21.21
C HIS A 279 -18.97 -33.51 -22.56
N GLU A 280 -18.30 -34.67 -22.69
CA GLU A 280 -17.68 -35.08 -23.96
C GLU A 280 -18.70 -35.28 -25.08
N LYS A 281 -19.88 -35.80 -24.73
CA LYS A 281 -21.00 -36.03 -25.66
C LYS A 281 -21.75 -34.70 -25.80
N LYS A 282 -21.69 -34.06 -27.00
CA LYS A 282 -22.27 -32.74 -27.30
C LYS A 282 -23.77 -32.60 -26.98
N ASN A 283 -24.55 -33.67 -27.13
CA ASN A 283 -26.00 -33.66 -26.88
C ASN A 283 -26.36 -33.64 -25.40
N LYS A 284 -25.42 -34.05 -24.52
CA LYS A 284 -25.61 -34.09 -23.07
C LYS A 284 -25.27 -32.73 -22.41
N ARG A 285 -24.63 -31.82 -23.18
CA ARG A 285 -24.29 -30.47 -22.74
C ARG A 285 -25.56 -29.63 -22.66
N PRO A 286 -25.70 -28.69 -21.69
CA PRO A 286 -26.89 -27.83 -21.69
C PRO A 286 -26.79 -26.78 -22.78
N ASP A 287 -27.94 -26.23 -23.20
CA ASP A 287 -27.93 -25.16 -24.18
C ASP A 287 -27.55 -23.88 -23.45
N ILE A 288 -27.20 -22.81 -24.17
CA ILE A 288 -26.79 -21.55 -23.56
C ILE A 288 -27.89 -20.94 -22.65
N LYS A 289 -29.17 -21.12 -22.99
CA LYS A 289 -30.29 -20.62 -22.19
C LYS A 289 -30.29 -21.24 -20.79
N LYS A 290 -30.00 -22.56 -20.70
CA LYS A 290 -29.89 -23.28 -19.44
C LYS A 290 -28.66 -22.80 -18.64
N VAL A 291 -27.51 -22.58 -19.33
CA VAL A 291 -26.27 -22.09 -18.73
C VAL A 291 -26.53 -20.71 -18.09
N GLN A 292 -27.21 -19.83 -18.83
CA GLN A 292 -27.61 -18.49 -18.41
C GLN A 292 -28.51 -18.55 -17.18
N GLN A 293 -29.49 -19.50 -17.18
CA GLN A 293 -30.45 -19.75 -16.10
C GLN A 293 -29.72 -20.19 -14.82
N LEU A 294 -28.80 -21.16 -14.93
CA LEU A 294 -28.04 -21.68 -13.80
C LEU A 294 -27.09 -20.63 -13.18
N LEU A 295 -26.52 -19.74 -14.01
CA LEU A 295 -25.62 -18.67 -13.54
C LEU A 295 -26.38 -17.57 -12.80
N GLN A 296 -27.65 -17.32 -13.17
CA GLN A 296 -28.50 -16.32 -12.51
C GLN A 296 -28.96 -16.85 -11.15
N GLU A 297 -29.27 -18.17 -11.07
CA GLU A 297 -29.68 -18.87 -9.84
C GLU A 297 -28.56 -18.91 -8.81
N MET A 298 -27.30 -18.96 -9.30
CA MET A 298 -26.06 -18.97 -8.53
C MET A 298 -25.96 -17.72 -7.63
N THR A 299 -26.37 -16.54 -8.14
CA THR A 299 -26.36 -15.28 -7.38
C THR A 299 -27.78 -14.96 -6.93
N THR B 4 41.65 13.75 21.71
CA THR B 4 42.70 12.73 21.62
C THR B 4 42.12 11.33 21.34
N ARG B 5 41.05 10.93 22.06
CA ARG B 5 40.35 9.63 21.92
C ARG B 5 39.64 9.44 20.55
N PHE B 6 39.72 10.44 19.65
CA PHE B 6 39.05 10.47 18.35
C PHE B 6 40.03 10.47 17.17
N HIS B 7 39.59 9.97 15.99
CA HIS B 7 40.42 9.91 14.79
C HIS B 7 40.57 11.27 14.12
N SER B 8 41.80 11.62 13.76
CA SER B 8 42.10 12.89 13.10
C SER B 8 42.07 12.66 11.59
N PHE B 9 41.04 13.22 10.92
CA PHE B 9 40.90 13.13 9.46
C PHE B 9 41.45 14.37 8.79
N SER B 10 42.02 14.21 7.59
CA SER B 10 42.47 15.33 6.79
C SER B 10 41.24 15.81 6.03
N PHE B 11 41.21 17.08 5.64
CA PHE B 11 40.05 17.61 4.91
C PHE B 11 39.86 16.92 3.56
N TYR B 12 40.95 16.53 2.88
CA TYR B 12 40.87 15.81 1.60
C TYR B 12 40.26 14.41 1.77
N GLU B 13 40.57 13.73 2.89
CA GLU B 13 40.02 12.41 3.20
C GLU B 13 38.50 12.49 3.30
N LEU B 14 37.98 13.52 3.97
CA LEU B 14 36.53 13.69 4.15
C LEU B 14 35.81 14.08 2.87
N LYS B 15 36.53 14.72 1.93
CA LYS B 15 35.98 15.03 0.61
C LYS B 15 35.81 13.69 -0.12
N ASN B 16 36.81 12.79 -0.03
CA ASN B 16 36.70 11.51 -0.71
C ASN B 16 35.70 10.53 -0.02
N VAL B 17 35.33 10.75 1.26
CA VAL B 17 34.33 9.91 1.92
C VAL B 17 32.89 10.38 1.58
N THR B 18 32.72 11.70 1.27
CA THR B 18 31.42 12.33 1.01
C THR B 18 31.17 12.71 -0.48
N ASN B 19 31.94 12.15 -1.44
CA ASN B 19 31.85 12.45 -2.88
C ASN B 19 32.00 13.97 -3.13
N ASN B 20 33.06 14.55 -2.51
CA ASN B 20 33.48 15.97 -2.55
C ASN B 20 32.36 16.86 -2.01
N PHE B 21 31.79 16.49 -0.84
CA PHE B 21 30.68 17.17 -0.16
C PHE B 21 29.52 17.48 -1.12
N ASP B 22 29.02 16.41 -1.78
CA ASP B 22 27.92 16.46 -2.74
C ASP B 22 26.67 17.01 -2.05
N GLU B 23 26.30 18.25 -2.39
CA GLU B 23 25.14 18.91 -1.81
C GLU B 23 23.84 18.45 -2.41
N ARG B 24 23.84 17.26 -2.96
CA ARG B 24 22.65 16.70 -3.54
C ARG B 24 21.98 15.78 -2.56
N PRO B 25 20.67 15.73 -2.60
CA PRO B 25 19.88 14.90 -1.71
C PRO B 25 20.34 13.47 -1.67
N LYS B 32 24.05 14.97 0.73
CA LYS B 32 23.42 15.83 1.73
C LYS B 32 22.27 15.11 2.45
N MET B 33 22.38 15.01 3.79
CA MET B 33 21.37 14.40 4.67
C MET B 33 20.42 15.50 5.15
N GLY B 34 20.99 16.69 5.34
CA GLY B 34 20.26 17.88 5.74
C GLY B 34 21.15 18.89 6.40
N GLU B 35 20.55 19.86 7.07
CA GLU B 35 21.26 20.89 7.83
C GLU B 35 20.90 20.73 9.32
N GLY B 36 21.85 21.03 10.19
CA GLY B 36 21.62 20.85 11.62
C GLY B 36 22.63 21.57 12.47
N GLY B 37 22.12 22.44 13.35
CA GLY B 37 22.92 23.27 14.23
C GLY B 37 23.56 24.37 13.40
N PHE B 38 24.90 24.37 13.36
CA PHE B 38 25.69 25.35 12.60
C PHE B 38 26.48 24.67 11.46
N GLY B 39 25.75 23.96 10.62
CA GLY B 39 26.35 23.27 9.48
C GLY B 39 25.48 22.31 8.70
N VAL B 40 26.03 21.81 7.59
CA VAL B 40 25.39 20.86 6.69
C VAL B 40 25.94 19.46 6.99
N VAL B 41 25.03 18.47 7.03
CA VAL B 41 25.34 17.08 7.35
C VAL B 41 25.39 16.25 6.05
N TYR B 42 26.50 15.53 5.87
CA TYR B 42 26.70 14.69 4.70
C TYR B 42 26.90 13.24 5.09
N LYS B 43 26.41 12.31 4.25
CA LYS B 43 26.59 10.88 4.43
C LYS B 43 27.94 10.51 3.82
N GLY B 44 28.69 9.68 4.53
CA GLY B 44 30.01 9.22 4.11
C GLY B 44 30.22 7.75 4.38
N TYR B 45 31.27 7.17 3.78
CA TYR B 45 31.61 5.76 3.94
C TYR B 45 33.10 5.60 4.23
N VAL B 46 33.44 5.06 5.42
CA VAL B 46 34.82 4.81 5.86
C VAL B 46 34.94 3.31 6.19
N ASN B 47 35.53 2.53 5.25
CA ASN B 47 35.74 1.08 5.33
C ASN B 47 34.50 0.32 5.83
N ASN B 48 33.44 0.26 4.98
CA ASN B 48 32.15 -0.40 5.21
C ASN B 48 31.29 0.25 6.30
N THR B 49 31.86 1.17 7.10
CA THR B 49 31.14 1.90 8.15
C THR B 49 30.54 3.18 7.56
N THR B 50 29.23 3.40 7.76
CA THR B 50 28.53 4.59 7.29
C THR B 50 28.72 5.70 8.32
N VAL B 51 29.08 6.90 7.86
CA VAL B 51 29.34 8.03 8.76
C VAL B 51 28.54 9.27 8.39
N ALA B 52 28.37 10.16 9.38
CA ALA B 52 27.75 11.47 9.26
C ALA B 52 28.86 12.47 9.44
N VAL B 53 29.08 13.29 8.41
CA VAL B 53 30.10 14.32 8.43
C VAL B 53 29.42 15.68 8.46
N LYS B 54 29.61 16.41 9.56
CA LYS B 54 29.05 17.74 9.75
C LYS B 54 30.10 18.76 9.40
N LYS B 55 29.92 19.43 8.26
CA LYS B 55 30.84 20.48 7.84
C LYS B 55 30.28 21.78 8.44
N LEU B 56 31.02 22.35 9.41
CA LEU B 56 30.61 23.56 10.11
C LEU B 56 30.70 24.79 9.21
N THR B 63 29.92 34.22 14.21
CA THR B 63 31.31 34.49 13.85
C THR B 63 32.11 33.18 13.69
N THR B 64 33.31 33.27 13.08
CA THR B 64 34.22 32.13 12.85
C THR B 64 34.76 31.60 14.19
N GLU B 65 35.04 32.51 15.16
CA GLU B 65 35.54 32.18 16.50
C GLU B 65 34.47 31.45 17.29
N GLU B 66 33.20 31.88 17.15
CA GLU B 66 32.00 31.31 17.78
C GLU B 66 31.82 29.87 17.31
N LEU B 67 32.02 29.65 16.01
CA LEU B 67 31.93 28.36 15.31
C LEU B 67 33.05 27.41 15.79
N LYS B 68 34.25 27.96 16.07
CA LYS B 68 35.40 27.20 16.57
C LYS B 68 35.16 26.75 18.03
N GLN B 69 34.51 27.61 18.84
CA GLN B 69 34.17 27.31 20.24
C GLN B 69 33.19 26.15 20.33
N GLN B 70 32.21 26.11 19.40
CA GLN B 70 31.19 25.07 19.27
C GLN B 70 31.87 23.73 18.95
N PHE B 71 32.86 23.77 18.03
CA PHE B 71 33.67 22.63 17.58
C PHE B 71 34.45 22.04 18.76
N ASP B 72 35.16 22.91 19.53
CA ASP B 72 35.95 22.54 20.70
C ASP B 72 35.08 21.98 21.84
N GLN B 73 33.94 22.64 22.11
CA GLN B 73 33.01 22.23 23.16
C GLN B 73 32.40 20.84 22.85
N GLU B 74 32.07 20.61 21.58
CA GLU B 74 31.51 19.33 21.14
C GLU B 74 32.50 18.18 21.37
N ILE B 75 33.79 18.39 21.00
CA ILE B 75 34.88 17.41 21.20
C ILE B 75 35.09 17.14 22.71
N LYS B 76 35.13 18.22 23.53
CA LYS B 76 35.32 18.15 24.98
C LYS B 76 34.24 17.32 25.68
N VAL B 77 32.95 17.62 25.40
CA VAL B 77 31.79 16.93 25.96
C VAL B 77 31.73 15.47 25.50
N MET B 78 32.00 15.19 24.19
CA MET B 78 31.96 13.82 23.67
C MET B 78 33.03 12.92 24.24
N ALA B 79 34.22 13.49 24.52
CA ALA B 79 35.35 12.76 25.12
C ALA B 79 35.00 12.31 26.54
N LYS B 80 34.22 13.13 27.26
CA LYS B 80 33.77 12.87 28.62
C LYS B 80 32.51 12.00 28.67
N CYS B 81 31.56 12.23 27.76
CA CYS B 81 30.26 11.56 27.75
C CYS B 81 30.05 10.57 26.59
N GLN B 82 30.06 9.27 26.93
CA GLN B 82 29.81 8.13 26.04
C GLN B 82 28.64 7.35 26.66
N HIS B 83 27.51 7.23 25.95
CA HIS B 83 26.29 6.56 26.44
C HIS B 83 25.45 6.01 25.28
N GLU B 84 24.58 5.00 25.54
CA GLU B 84 23.71 4.38 24.55
CA GLU B 84 23.75 4.39 24.50
C GLU B 84 22.70 5.37 23.93
N ASN B 85 22.42 6.48 24.65
CA ASN B 85 21.46 7.49 24.21
C ASN B 85 22.07 8.86 23.88
N LEU B 86 23.32 8.86 23.44
CA LEU B 86 24.05 10.05 22.99
C LEU B 86 24.73 9.66 21.69
N VAL B 87 24.70 10.56 20.69
CA VAL B 87 25.37 10.28 19.42
C VAL B 87 26.88 10.07 19.68
N GLU B 88 27.50 9.12 18.98
CA GLU B 88 28.93 8.88 19.17
C GLU B 88 29.76 9.61 18.14
N LEU B 89 30.78 10.37 18.60
CA LEU B 89 31.73 11.07 17.74
C LEU B 89 32.87 10.09 17.44
N LEU B 90 33.23 9.93 16.15
CA LEU B 90 34.31 9.06 15.69
C LEU B 90 35.59 9.84 15.45
N GLY B 91 35.45 11.05 14.94
CA GLY B 91 36.58 11.90 14.62
C GLY B 91 36.26 13.33 14.24
N PHE B 92 37.28 14.01 13.68
CA PHE B 92 37.20 15.43 13.31
C PHE B 92 38.25 15.81 12.25
N SER B 93 38.09 17.02 11.68
CA SER B 93 39.00 17.63 10.71
C SER B 93 39.10 19.11 11.04
N SER B 94 40.33 19.62 11.18
CA SER B 94 40.60 21.02 11.50
C SER B 94 41.73 21.62 10.65
N ASP B 95 42.31 20.82 9.72
CA ASP B 95 43.40 21.26 8.84
C ASP B 95 42.90 22.19 7.74
N ASP B 98 37.82 24.47 6.56
CA ASP B 98 36.50 24.03 7.02
C ASP B 98 36.59 22.98 8.14
N LEU B 99 35.95 23.26 9.28
CA LEU B 99 35.90 22.39 10.46
C LEU B 99 34.86 21.31 10.27
N CYS B 100 35.27 20.04 10.44
CA CYS B 100 34.38 18.90 10.29
C CYS B 100 34.32 18.03 11.54
N LEU B 101 33.15 17.45 11.80
CA LEU B 101 32.94 16.52 12.91
C LEU B 101 32.34 15.25 12.33
N VAL B 102 32.97 14.10 12.63
CA VAL B 102 32.55 12.80 12.09
C VAL B 102 31.90 11.98 13.16
N TYR B 103 30.66 11.51 12.89
CA TYR B 103 29.86 10.74 13.86
C TYR B 103 29.45 9.41 13.29
N VAL B 104 28.93 8.53 14.17
CA VAL B 104 28.29 7.26 13.81
C VAL B 104 26.97 7.71 13.14
N TYR B 105 26.67 7.17 11.95
CA TYR B 105 25.49 7.55 11.17
C TYR B 105 24.20 7.09 11.80
N MET B 106 23.21 7.98 11.89
CA MET B 106 21.87 7.72 12.42
C MET B 106 20.93 7.57 11.23
N PRO B 107 20.62 6.31 10.82
CA PRO B 107 19.81 6.12 9.61
C PRO B 107 18.39 6.66 9.64
N ASN B 108 17.79 6.84 10.81
CA ASN B 108 16.41 7.28 10.87
C ASN B 108 16.22 8.78 11.20
N GLY B 109 17.29 9.55 11.00
CA GLY B 109 17.27 11.00 11.13
C GLY B 109 16.84 11.51 12.48
N SER B 110 16.13 12.64 12.52
CA SER B 110 15.70 13.23 13.79
C SER B 110 14.28 12.87 14.16
N LEU B 111 13.96 13.00 15.46
CA LEU B 111 12.62 12.78 15.99
C LEU B 111 11.62 13.80 15.38
N LEU B 112 12.07 15.06 15.16
CA LEU B 112 11.27 16.11 14.53
C LEU B 112 10.78 15.64 13.14
N ASP B 113 11.72 15.13 12.31
CA ASP B 113 11.44 14.65 10.97
C ASP B 113 10.51 13.44 11.00
N ARG B 114 10.69 12.52 11.96
CA ARG B 114 9.85 11.32 12.05
C ARG B 114 8.46 11.63 12.56
N LEU B 115 8.32 12.64 13.44
CA LEU B 115 7.01 13.06 13.92
C LEU B 115 6.23 13.75 12.82
N SER B 116 6.93 14.43 11.89
CA SER B 116 6.28 15.13 10.78
C SER B 116 6.13 14.26 9.54
N CYS B 117 6.64 13.00 9.60
CA CYS B 117 6.60 12.01 8.50
C CYS B 117 7.28 12.53 7.25
N LEU B 118 8.33 13.31 7.44
CA LEU B 118 9.13 13.86 6.37
C LEU B 118 9.65 12.81 5.38
N ASP B 119 9.58 13.12 4.11
CA ASP B 119 10.00 12.29 2.98
C ASP B 119 9.25 10.92 2.87
N GLY B 120 8.00 10.89 3.32
CA GLY B 120 7.12 9.71 3.23
C GLY B 120 7.28 8.62 4.24
N THR B 121 7.99 8.90 5.35
CA THR B 121 8.21 7.88 6.39
C THR B 121 6.91 7.60 7.15
N PRO B 122 6.62 6.33 7.52
CA PRO B 122 5.32 6.06 8.21
C PRO B 122 5.26 6.68 9.60
N PRO B 123 4.06 7.05 10.11
CA PRO B 123 4.01 7.63 11.47
C PRO B 123 4.55 6.66 12.53
N LEU B 124 5.19 7.20 13.56
CA LEU B 124 5.71 6.40 14.66
C LEU B 124 4.51 5.95 15.50
N SER B 125 4.49 4.69 15.90
CA SER B 125 3.44 4.13 16.75
C SER B 125 3.64 4.63 18.19
N TRP B 126 2.62 4.48 19.03
CA TRP B 126 2.70 4.89 20.43
C TRP B 126 3.79 4.09 21.17
N HIS B 127 3.91 2.79 20.87
CA HIS B 127 4.92 1.88 21.43
C HIS B 127 6.33 2.43 21.16
N MET B 128 6.62 2.81 19.88
CA MET B 128 7.92 3.36 19.46
CA MET B 128 7.93 3.33 19.50
C MET B 128 8.16 4.69 20.18
N ARG B 129 7.10 5.53 20.27
CA ARG B 129 7.16 6.84 20.91
C ARG B 129 7.53 6.77 22.40
N CYS B 130 7.01 5.74 23.11
CA CYS B 130 7.31 5.50 24.53
C CYS B 130 8.78 5.14 24.74
N LYS B 131 9.31 4.27 23.86
CA LYS B 131 10.70 3.83 23.89
C LYS B 131 11.65 5.01 23.59
N ILE B 132 11.25 5.90 22.65
CA ILE B 132 12.04 7.08 22.27
C ILE B 132 12.12 8.06 23.44
N ALA B 133 10.96 8.32 24.11
CA ALA B 133 10.87 9.21 25.28
C ALA B 133 11.76 8.71 26.43
N GLN B 134 11.75 7.37 26.67
CA GLN B 134 12.58 6.73 27.70
C GLN B 134 14.05 6.89 27.37
N GLY B 135 14.42 6.58 26.11
CA GLY B 135 15.78 6.70 25.61
C GLY B 135 16.32 8.11 25.75
N ALA B 136 15.56 9.12 25.27
CA ALA B 136 15.94 10.53 25.38
C ALA B 136 16.17 10.95 26.84
N ALA B 137 15.29 10.50 27.76
CA ALA B 137 15.40 10.78 29.20
C ALA B 137 16.66 10.15 29.79
N ASN B 138 17.03 8.94 29.32
CA ASN B 138 18.25 8.23 29.76
C ASN B 138 19.50 8.99 29.31
N GLY B 139 19.43 9.61 28.12
CA GLY B 139 20.52 10.41 27.56
C GLY B 139 20.74 11.70 28.32
N ILE B 140 19.65 12.40 28.66
CA ILE B 140 19.67 13.64 29.45
C ILE B 140 20.20 13.34 30.84
N ASN B 141 19.75 12.21 31.44
CA ASN B 141 20.19 11.76 32.77
C ASN B 141 21.69 11.58 32.85
N PHE B 142 22.28 10.96 31.82
CA PHE B 142 23.71 10.74 31.76
C PHE B 142 24.46 12.07 31.70
N LEU B 143 23.94 13.04 30.90
CA LEU B 143 24.56 14.36 30.77
C LEU B 143 24.55 15.12 32.10
N HIS B 144 23.41 15.07 32.82
CA HIS B 144 23.23 15.72 34.12
C HIS B 144 24.08 15.07 35.22
N GLU B 145 24.25 13.72 35.19
CA GLU B 145 25.09 12.96 36.13
C GLU B 145 26.56 13.34 35.94
N ASN B 146 26.94 13.70 34.69
CA ASN B 146 28.28 14.14 34.31
C ASN B 146 28.42 15.68 34.37
N HIS B 147 27.50 16.32 35.13
CA HIS B 147 27.43 17.75 35.39
C HIS B 147 27.48 18.63 34.12
N HIS B 148 26.69 18.23 33.10
CA HIS B 148 26.57 18.96 31.84
C HIS B 148 25.14 19.37 31.60
N ILE B 149 24.97 20.63 31.17
CA ILE B 149 23.68 21.19 30.78
C ILE B 149 23.73 21.25 29.26
N HIS B 150 22.73 20.65 28.59
CA HIS B 150 22.69 20.60 27.14
C HIS B 150 22.47 22.00 26.52
N ARG B 151 21.47 22.72 27.02
CA ARG B 151 21.04 24.09 26.67
C ARG B 151 20.19 24.16 25.39
N ASP B 152 20.09 23.07 24.60
CA ASP B 152 19.30 23.08 23.37
C ASP B 152 18.56 21.76 23.12
N ILE B 153 17.82 21.30 24.14
CA ILE B 153 17.01 20.09 24.04
C ILE B 153 15.79 20.39 23.20
N LYS B 154 15.64 19.63 22.12
CA LYS B 154 14.56 19.74 21.15
C LYS B 154 14.51 18.47 20.31
N SER B 155 13.36 18.21 19.65
CA SER B 155 13.17 17.03 18.79
C SER B 155 14.16 16.96 17.62
N ALA B 156 14.64 18.13 17.11
CA ALA B 156 15.63 18.17 16.02
C ALA B 156 16.99 17.65 16.53
N ASN B 157 17.21 17.71 17.85
CA ASN B 157 18.46 17.27 18.49
C ASN B 157 18.37 15.87 19.10
N ILE B 158 17.30 15.12 18.76
CA ILE B 158 17.11 13.75 19.20
C ILE B 158 17.14 12.93 17.94
N LEU B 159 18.23 12.17 17.76
CA LEU B 159 18.42 11.37 16.56
C LEU B 159 17.99 9.92 16.76
N LEU B 160 17.75 9.22 15.64
CA LEU B 160 17.24 7.86 15.68
C LEU B 160 18.09 6.88 14.88
N ASP B 161 18.61 5.85 15.56
CA ASP B 161 19.47 4.84 14.93
C ASP B 161 18.65 3.80 14.16
N GLU B 162 19.31 2.73 13.68
CA GLU B 162 18.70 1.62 12.94
C GLU B 162 17.55 0.85 13.70
N ALA B 163 17.48 0.98 15.03
CA ALA B 163 16.48 0.33 15.88
C ALA B 163 15.55 1.38 16.48
N PHE B 164 15.62 2.63 15.98
CA PHE B 164 14.87 3.79 16.46
C PHE B 164 15.17 4.08 17.94
N THR B 165 16.41 3.83 18.36
CA THR B 165 16.91 4.16 19.70
C THR B 165 17.21 5.67 19.67
N ALA B 166 16.70 6.42 20.66
CA ALA B 166 16.91 7.86 20.78
C ALA B 166 18.38 8.16 21.12
N LYS B 167 18.97 9.13 20.42
CA LYS B 167 20.35 9.58 20.66
C LYS B 167 20.39 11.10 20.72
N ILE B 168 20.74 11.65 21.90
CA ILE B 168 20.88 13.10 22.08
C ILE B 168 22.10 13.59 21.27
N SER B 169 21.91 14.67 20.51
CA SER B 169 22.96 15.29 19.68
C SER B 169 23.09 16.79 19.96
N ASP B 170 24.16 17.38 19.38
CA ASP B 170 24.52 18.80 19.40
C ASP B 170 24.88 19.30 20.80
N PHE B 171 26.14 19.07 21.18
CA PHE B 171 26.71 19.48 22.45
C PHE B 171 27.60 20.75 22.29
N GLY B 172 27.37 21.49 21.21
CA GLY B 172 28.08 22.73 20.90
C GLY B 172 27.83 23.85 21.90
N LEU B 173 26.59 23.95 22.42
CA LEU B 173 26.23 24.97 23.42
C LEU B 173 26.25 24.42 24.86
N ALA B 174 26.66 23.15 25.05
CA ALA B 174 26.70 22.49 26.37
C ALA B 174 27.63 23.21 27.37
N ARG B 175 27.22 23.21 28.66
CA ARG B 175 27.97 23.86 29.74
C ARG B 175 28.22 22.94 30.93
N ALA B 176 29.39 23.09 31.57
CA ALA B 176 29.72 22.36 32.79
C ALA B 176 29.03 23.09 33.95
N SER B 177 28.25 22.35 34.77
CA SER B 177 27.53 22.91 35.93
C SER B 177 28.38 22.85 37.20
N VAL B 184 24.05 31.14 38.08
CA VAL B 184 24.88 31.28 36.89
C VAL B 184 24.07 31.97 35.77
N MET B 185 24.58 33.11 35.27
CA MET B 185 23.94 33.88 34.20
C MET B 185 24.88 34.21 33.03
N TPO B 186 24.30 34.55 31.87
CA TPO B 186 25.03 34.90 30.65
CB TPO B 186 25.15 33.62 29.71
CG2 TPO B 186 23.81 33.08 29.16
OG1 TPO B 186 26.07 33.80 28.58
P TPO B 186 27.61 33.55 28.84
O1P TPO B 186 28.19 32.89 27.59
O2P TPO B 186 28.34 34.90 29.06
O3P TPO B 186 27.97 32.65 30.05
C TPO B 186 24.43 36.10 29.91
O TPO B 186 23.22 36.33 29.98
N SEP B 187 25.29 36.87 29.21
CA SEP B 187 24.89 38.03 28.41
CB SEP B 187 25.91 39.20 28.42
OG SEP B 187 27.30 38.79 28.57
C SEP B 187 24.48 37.58 27.00
O SEP B 187 23.87 38.36 26.25
P SEP B 187 28.27 39.95 28.95
O1P SEP B 187 28.29 41.06 27.89
O2P SEP B 187 29.69 39.40 29.04
O3P SEP B 187 27.94 40.60 30.30
N ARG B 188 24.80 36.32 26.64
CA ARG B 188 24.50 35.69 25.36
C ARG B 188 23.46 34.55 25.55
N ILE B 189 22.18 34.89 25.43
CA ILE B 189 21.05 33.97 25.57
C ILE B 189 20.96 33.11 24.28
N VAL B 190 21.31 31.82 24.38
CA VAL B 190 21.30 30.86 23.27
C VAL B 190 20.31 29.70 23.53
N GLY B 191 19.78 29.14 22.44
CA GLY B 191 18.82 28.05 22.45
C GLY B 191 17.69 28.30 21.47
N THR B 192 16.65 27.45 21.51
CA THR B 192 15.50 27.57 20.62
C THR B 192 14.31 28.08 21.43
N THR B 193 13.86 29.32 21.13
CA THR B 193 12.79 30.09 21.78
C THR B 193 11.55 29.25 22.17
N ALA B 194 11.01 28.45 21.24
CA ALA B 194 9.82 27.62 21.42
C ALA B 194 9.98 26.49 22.46
N TYR B 195 11.23 26.13 22.80
CA TYR B 195 11.55 25.05 23.73
C TYR B 195 12.10 25.57 25.07
N MET B 196 12.60 26.81 25.08
CA MET B 196 13.27 27.43 26.22
C MET B 196 12.39 27.72 27.42
N ALA B 197 12.94 27.48 28.61
CA ALA B 197 12.34 27.79 29.90
C ALA B 197 12.28 29.32 30.11
N PRO B 198 11.30 29.85 30.88
CA PRO B 198 11.27 31.32 31.12
C PRO B 198 12.60 31.90 31.66
N GLU B 199 13.25 31.21 32.62
CA GLU B 199 14.52 31.67 33.18
C GLU B 199 15.68 31.60 32.17
N ALA B 200 15.61 30.66 31.20
CA ALA B 200 16.62 30.50 30.15
C ALA B 200 16.55 31.70 29.20
N LEU B 201 15.33 32.20 28.94
CA LEU B 201 15.08 33.39 28.11
C LEU B 201 15.56 34.64 28.85
N ARG B 202 15.68 34.54 30.19
CA ARG B 202 16.14 35.61 31.10
C ARG B 202 17.67 35.62 31.30
N GLY B 203 18.36 34.61 30.77
CA GLY B 203 19.82 34.51 30.83
C GLY B 203 20.39 33.51 31.82
N GLU B 204 19.53 32.79 32.56
CA GLU B 204 19.96 31.79 33.54
C GLU B 204 20.44 30.51 32.86
N ILE B 205 21.49 29.88 33.42
CA ILE B 205 22.03 28.59 32.97
C ILE B 205 21.82 27.61 34.13
N THR B 206 20.88 26.65 33.96
CA THR B 206 20.52 25.65 34.96
C THR B 206 20.10 24.32 34.31
N PRO B 207 20.41 23.14 34.91
CA PRO B 207 19.94 21.87 34.31
C PRO B 207 18.40 21.73 34.33
N LYS B 208 17.71 22.56 35.12
CA LYS B 208 16.25 22.61 35.22
C LYS B 208 15.62 23.16 33.93
N SER B 209 16.39 23.95 33.16
CA SER B 209 15.95 24.48 31.86
C SER B 209 15.86 23.35 30.84
N ASP B 210 16.77 22.34 30.93
CA ASP B 210 16.78 21.15 30.05
C ASP B 210 15.51 20.32 30.31
N ILE B 211 15.05 20.27 31.58
CA ILE B 211 13.84 19.57 32.00
C ILE B 211 12.62 20.19 31.30
N TYR B 212 12.51 21.54 31.33
CA TYR B 212 11.42 22.30 30.70
C TYR B 212 11.37 21.98 29.20
N SER B 213 12.52 22.03 28.51
CA SER B 213 12.67 21.74 27.08
C SER B 213 12.26 20.31 26.76
N PHE B 214 12.58 19.36 27.65
CA PHE B 214 12.20 17.96 27.47
C PHE B 214 10.67 17.81 27.56
N GLY B 215 10.02 18.65 28.37
CA GLY B 215 8.57 18.69 28.50
C GLY B 215 7.90 19.07 27.19
N VAL B 216 8.51 19.98 26.44
CA VAL B 216 8.04 20.43 25.12
C VAL B 216 8.16 19.25 24.15
N VAL B 217 9.30 18.52 24.19
CA VAL B 217 9.56 17.33 23.37
C VAL B 217 8.49 16.25 23.64
N LEU B 218 8.13 16.02 24.92
CA LEU B 218 7.09 15.05 25.28
C LEU B 218 5.74 15.44 24.71
N LEU B 219 5.44 16.75 24.67
CA LEU B 219 4.21 17.25 24.07
C LEU B 219 4.22 17.03 22.55
N GLU B 220 5.38 17.18 21.89
CA GLU B 220 5.53 16.92 20.45
C GLU B 220 5.32 15.44 20.17
N ILE B 221 5.80 14.56 21.07
CA ILE B 221 5.65 13.11 20.96
C ILE B 221 4.16 12.69 21.03
N ILE B 222 3.41 13.26 22.00
CA ILE B 222 1.99 12.98 22.19
C ILE B 222 1.13 13.52 21.03
N THR B 223 1.39 14.76 20.61
CA THR B 223 0.58 15.48 19.63
C THR B 223 1.00 15.32 18.18
N GLY B 224 2.28 15.06 17.94
CA GLY B 224 2.85 15.02 16.59
C GLY B 224 2.96 16.42 15.99
N LEU B 225 2.74 17.46 16.82
CA LEU B 225 2.77 18.88 16.41
C LEU B 225 4.10 19.52 16.72
N PRO B 226 4.59 20.44 15.82
CA PRO B 226 5.84 21.16 16.11
C PRO B 226 5.68 22.12 17.28
N ALA B 227 6.79 22.42 17.98
CA ALA B 227 6.80 23.34 19.12
C ALA B 227 6.26 24.75 18.79
N VAL B 228 6.46 25.22 17.54
CA VAL B 228 5.98 26.50 17.05
C VAL B 228 5.37 26.36 15.64
N ASP B 229 4.24 27.02 15.42
CA ASP B 229 3.53 27.04 14.13
C ASP B 229 2.81 28.38 14.07
N GLU B 230 3.29 29.29 13.20
CA GLU B 230 2.71 30.64 13.05
C GLU B 230 1.27 30.64 12.55
N HIS B 231 0.88 29.62 11.78
CA HIS B 231 -0.48 29.51 11.26
C HIS B 231 -1.32 28.60 12.18
N ARG B 232 -1.06 28.61 13.51
CA ARG B 232 -1.80 27.78 14.48
C ARG B 232 -2.22 28.60 15.72
N GLU B 233 -3.32 28.18 16.37
CA GLU B 233 -3.83 28.78 17.60
C GLU B 233 -3.96 27.68 18.68
N PRO B 234 -3.08 27.65 19.70
CA PRO B 234 -1.97 28.58 19.99
C PRO B 234 -0.72 28.33 19.14
N GLN B 235 0.05 29.40 18.86
CA GLN B 235 1.28 29.32 18.06
C GLN B 235 2.34 28.42 18.69
N LEU B 236 2.49 28.54 20.01
CA LEU B 236 3.47 27.75 20.78
C LEU B 236 2.82 26.56 21.44
N LEU B 237 3.43 25.36 21.30
CA LEU B 237 2.90 24.11 21.82
C LEU B 237 2.77 24.07 23.34
N LEU B 238 3.72 24.68 24.09
CA LEU B 238 3.67 24.71 25.56
C LEU B 238 2.40 25.37 26.11
N ASP B 239 1.68 26.14 25.26
CA ASP B 239 0.43 26.84 25.60
C ASP B 239 -0.78 25.90 25.66
N ILE B 240 -0.66 24.66 25.11
CA ILE B 240 -1.74 23.67 25.16
C ILE B 240 -1.93 23.21 26.62
N LYS B 241 -0.85 23.29 27.42
CA LYS B 241 -0.86 22.94 28.84
C LYS B 241 -1.84 23.86 29.59
N GLU B 242 -1.90 25.16 29.19
CA GLU B 242 -2.81 26.15 29.76
C GLU B 242 -4.25 25.87 29.39
N GLU B 243 -4.50 25.49 28.11
CA GLU B 243 -5.83 25.14 27.60
C GLU B 243 -6.40 23.89 28.28
N ILE B 244 -5.52 22.93 28.62
CA ILE B 244 -5.92 21.68 29.30
C ILE B 244 -6.26 21.97 30.77
N GLU B 245 -5.40 22.73 31.48
CA GLU B 245 -5.58 23.11 32.88
C GLU B 245 -6.84 23.98 33.07
N ASP B 246 -7.12 24.90 32.12
CA ASP B 246 -8.29 25.78 32.16
C ASP B 246 -9.56 25.08 31.65
N GLU B 247 -9.48 23.76 31.41
CA GLU B 247 -10.56 22.86 30.95
C GLU B 247 -11.18 23.25 29.58
N GLU B 248 -10.45 24.04 28.77
CA GLU B 248 -10.88 24.47 27.43
C GLU B 248 -10.79 23.27 26.47
N LYS B 249 -9.76 22.42 26.68
CA LYS B 249 -9.47 21.20 25.92
C LYS B 249 -8.95 20.12 26.88
N THR B 250 -8.74 18.90 26.37
CA THR B 250 -8.16 17.78 27.13
C THR B 250 -6.95 17.27 26.34
N ILE B 251 -6.14 16.36 26.92
CA ILE B 251 -4.99 15.82 26.20
C ILE B 251 -5.49 14.89 25.07
N GLU B 252 -6.68 14.28 25.26
CA GLU B 252 -7.35 13.39 24.31
C GLU B 252 -7.65 14.13 22.99
N ASP B 253 -7.95 15.44 23.04
CA ASP B 253 -8.20 16.30 21.87
C ASP B 253 -6.91 16.62 21.09
N TYR B 254 -5.76 16.51 21.77
CA TYR B 254 -4.47 16.80 21.17
C TYR B 254 -3.66 15.56 20.79
N ILE B 255 -4.09 14.33 21.17
CA ILE B 255 -3.39 13.09 20.82
C ILE B 255 -3.24 13.04 19.30
N ASP B 256 -2.03 12.74 18.82
CA ASP B 256 -1.72 12.59 17.41
C ASP B 256 -2.69 11.56 16.80
N LYS B 257 -3.48 11.99 15.80
CA LYS B 257 -4.44 11.11 15.13
C LYS B 257 -3.75 10.13 14.16
N LYS B 258 -2.43 10.33 13.96
CA LYS B 258 -1.62 9.46 13.08
C LYS B 258 -1.15 8.20 13.82
N MET B 259 -1.80 7.83 14.94
CA MET B 259 -1.47 6.61 15.72
C MET B 259 -2.72 5.75 15.83
N ASN B 260 -2.57 4.42 15.95
CA ASN B 260 -3.74 3.52 16.16
C ASN B 260 -3.62 2.70 17.48
N ASP B 261 -2.47 2.80 18.17
CA ASP B 261 -2.14 2.02 19.36
C ASP B 261 -1.99 2.85 20.65
N ALA B 262 -2.41 4.12 20.65
CA ALA B 262 -2.33 4.96 21.85
C ALA B 262 -3.44 4.59 22.84
N ASP B 263 -3.09 4.35 24.11
CA ASP B 263 -4.11 4.08 25.14
C ASP B 263 -4.14 5.29 26.09
N SER B 264 -5.34 5.68 26.54
CA SER B 264 -5.56 6.84 27.42
C SER B 264 -4.70 6.86 28.68
N THR B 265 -4.49 5.70 29.35
CA THR B 265 -3.70 5.57 30.58
C THR B 265 -2.23 5.98 30.39
N SER B 266 -1.51 5.38 29.41
CA SER B 266 -0.12 5.73 29.17
C SER B 266 0.08 7.13 28.57
N VAL B 267 -0.90 7.63 27.77
CA VAL B 267 -0.84 8.98 27.20
C VAL B 267 -0.96 10.01 28.33
N GLU B 268 -1.92 9.78 29.27
CA GLU B 268 -2.11 10.64 30.43
C GLU B 268 -0.88 10.60 31.34
N ALA B 269 -0.23 9.42 31.45
CA ALA B 269 0.98 9.24 32.24
C ALA B 269 2.15 10.07 31.62
N MET B 270 2.31 10.05 30.27
CA MET B 270 3.35 10.85 29.62
C MET B 270 3.03 12.35 29.72
N TYR B 271 1.73 12.72 29.60
CA TYR B 271 1.30 14.11 29.72
C TYR B 271 1.56 14.64 31.11
N SER B 272 1.37 13.80 32.15
CA SER B 272 1.61 14.17 33.55
C SER B 272 3.09 14.52 33.75
N VAL B 273 3.99 13.75 33.12
CA VAL B 273 5.44 14.00 33.16
C VAL B 273 5.74 15.33 32.46
N ALA B 274 5.16 15.53 31.26
CA ALA B 274 5.32 16.75 30.46
C ALA B 274 4.86 17.98 31.24
N SER B 275 3.67 17.89 31.88
CA SER B 275 3.08 18.93 32.71
C SER B 275 4.00 19.31 33.87
N GLN B 276 4.60 18.31 34.53
CA GLN B 276 5.51 18.52 35.67
C GLN B 276 6.80 19.21 35.19
N CYS B 277 7.29 18.81 34.00
CA CYS B 277 8.48 19.38 33.37
C CYS B 277 8.27 20.86 33.01
N LEU B 278 7.05 21.22 32.58
CA LEU B 278 6.69 22.55 32.11
C LEU B 278 6.25 23.54 33.19
N HIS B 279 6.58 23.27 34.46
CA HIS B 279 6.26 24.19 35.55
C HIS B 279 7.05 25.46 35.32
N GLU B 280 6.41 26.63 35.43
CA GLU B 280 7.08 27.92 35.23
C GLU B 280 8.16 28.18 36.28
N LYS B 281 7.93 27.72 37.53
CA LYS B 281 8.89 27.85 38.63
C LYS B 281 9.86 26.66 38.53
N LYS B 282 11.15 26.93 38.22
CA LYS B 282 12.21 25.93 38.01
C LYS B 282 12.40 24.91 39.15
N ASN B 283 12.19 25.33 40.39
CA ASN B 283 12.35 24.47 41.56
C ASN B 283 11.23 23.43 41.73
N LYS B 284 10.06 23.71 41.13
CA LYS B 284 8.88 22.83 41.20
C LYS B 284 8.91 21.73 40.11
N ARG B 285 9.84 21.86 39.14
CA ARG B 285 10.06 20.88 38.09
C ARG B 285 10.77 19.65 38.68
N PRO B 286 10.47 18.41 38.22
CA PRO B 286 11.21 17.26 38.76
C PRO B 286 12.62 17.19 38.17
N ASP B 287 13.53 16.49 38.85
CA ASP B 287 14.87 16.30 38.31
C ASP B 287 14.79 15.22 37.24
N ILE B 288 15.84 15.07 36.41
CA ILE B 288 15.83 14.09 35.33
C ILE B 288 15.65 12.64 35.83
N LYS B 289 16.18 12.30 37.02
CA LYS B 289 16.04 10.98 37.62
C LYS B 289 14.57 10.63 37.88
N LYS B 290 13.77 11.63 38.36
CA LYS B 290 12.35 11.48 38.60
C LYS B 290 11.59 11.32 37.27
N VAL B 291 11.98 12.11 36.23
CA VAL B 291 11.40 12.05 34.89
C VAL B 291 11.57 10.63 34.31
N GLN B 292 12.81 10.11 34.41
CA GLN B 292 13.22 8.78 33.98
C GLN B 292 12.38 7.71 34.69
N GLN B 293 12.17 7.88 36.01
CA GLN B 293 11.40 6.99 36.87
C GLN B 293 9.93 6.94 36.43
N LEU B 294 9.31 8.12 36.21
CA LEU B 294 7.91 8.23 35.79
C LEU B 294 7.66 7.65 34.39
N LEU B 295 8.65 7.78 33.47
CA LEU B 295 8.55 7.24 32.12
C LEU B 295 8.67 5.70 32.10
N GLN B 296 9.43 5.11 33.06
CA GLN B 296 9.56 3.65 33.18
C GLN B 296 8.28 3.06 33.76
N GLU B 297 7.64 3.75 34.73
CA GLU B 297 6.39 3.36 35.38
C GLU B 297 5.22 3.38 34.39
N MET B 298 5.28 4.29 33.40
CA MET B 298 4.31 4.50 32.32
C MET B 298 4.11 3.22 31.50
N THR B 299 5.22 2.49 31.22
CA THR B 299 5.21 1.23 30.47
C THR B 299 5.34 0.07 31.46
N ARG C 5 -32.84 -4.80 -9.00
CA ARG C 5 -31.42 -4.90 -9.31
C ARG C 5 -30.55 -5.04 -8.03
N PHE C 6 -30.85 -4.25 -6.98
CA PHE C 6 -30.13 -4.29 -5.71
C PHE C 6 -30.82 -5.24 -4.73
N HIS C 7 -30.05 -5.86 -3.83
CA HIS C 7 -30.62 -6.79 -2.86
C HIS C 7 -31.33 -6.07 -1.70
N SER C 8 -32.56 -6.52 -1.36
CA SER C 8 -33.33 -5.96 -0.26
C SER C 8 -33.02 -6.74 1.02
N PHE C 9 -32.26 -6.12 1.95
CA PHE C 9 -31.89 -6.72 3.23
C PHE C 9 -32.85 -6.33 4.34
N SER C 10 -33.00 -7.21 5.34
CA SER C 10 -33.79 -6.91 6.52
C SER C 10 -32.81 -6.21 7.46
N PHE C 11 -33.35 -5.42 8.40
CA PHE C 11 -32.52 -4.74 9.36
C PHE C 11 -31.80 -5.69 10.29
N TYR C 12 -32.46 -6.77 10.73
CA TYR C 12 -31.83 -7.74 11.64
C TYR C 12 -30.64 -8.46 10.97
N GLU C 13 -30.69 -8.67 9.62
CA GLU C 13 -29.65 -9.32 8.84
C GLU C 13 -28.37 -8.53 9.03
N LEU C 14 -28.52 -7.22 8.83
CA LEU C 14 -27.44 -6.26 8.87
C LEU C 14 -26.86 -6.06 10.25
N LYS C 15 -27.70 -6.23 11.34
CA LYS C 15 -27.21 -6.09 12.71
C LYS C 15 -26.23 -7.16 12.94
N ASN C 16 -26.61 -8.39 12.59
CA ASN C 16 -25.76 -9.47 12.96
C ASN C 16 -24.56 -9.66 12.04
N VAL C 17 -24.58 -9.10 10.81
CA VAL C 17 -23.41 -9.12 9.92
C VAL C 17 -22.33 -8.14 10.39
N THR C 18 -22.74 -7.14 11.20
CA THR C 18 -21.88 -6.11 11.74
C THR C 18 -21.59 -6.34 13.24
N ASN C 19 -21.80 -7.57 13.74
CA ASN C 19 -21.63 -8.00 15.14
C ASN C 19 -22.48 -7.08 16.06
N ASN C 20 -23.78 -6.93 15.69
CA ASN C 20 -24.84 -6.08 16.27
C ASN C 20 -24.40 -4.61 16.30
N PHE C 21 -23.96 -4.08 15.14
CA PHE C 21 -23.52 -2.70 14.94
C PHE C 21 -22.50 -2.30 16.02
N ASP C 22 -21.43 -3.13 16.17
CA ASP C 22 -20.31 -2.95 17.11
C ASP C 22 -19.67 -1.60 16.82
N GLU C 23 -20.04 -0.59 17.64
CA GLU C 23 -19.62 0.82 17.55
C GLU C 23 -18.11 1.04 17.82
N ARG C 24 -17.38 0.03 18.35
CA ARG C 24 -15.95 0.11 18.65
C ARG C 24 -15.21 0.21 17.31
N PRO C 25 -14.11 0.99 17.22
CA PRO C 25 -13.38 1.06 15.94
C PRO C 25 -12.76 -0.29 15.56
N ILE C 26 -12.46 -0.49 14.25
CA ILE C 26 -11.84 -1.69 13.68
C ILE C 26 -10.51 -2.01 14.41
N SER C 27 -9.71 -0.94 14.68
CA SER C 27 -8.42 -0.96 15.36
C SER C 27 -8.42 -1.62 16.74
N VAL C 28 -9.58 -1.61 17.45
CA VAL C 28 -9.68 -2.22 18.78
C VAL C 28 -10.42 -3.59 18.72
N GLY C 29 -10.89 -3.96 17.52
CA GLY C 29 -11.60 -5.21 17.28
C GLY C 29 -13.10 -5.12 17.05
N GLY C 30 -13.58 -3.88 16.84
CA GLY C 30 -15.00 -3.61 16.58
C GLY C 30 -15.34 -3.61 15.11
N ASN C 31 -16.50 -3.02 14.76
CA ASN C 31 -16.97 -2.95 13.39
C ASN C 31 -17.11 -1.52 12.84
N LYS C 32 -16.96 -0.49 13.68
CA LYS C 32 -17.07 0.90 13.23
C LYS C 32 -15.87 1.30 12.38
N MET C 33 -16.14 1.73 11.15
CA MET C 33 -15.13 2.21 10.21
C MET C 33 -15.02 3.75 10.40
N GLY C 34 -16.16 4.39 10.58
CA GLY C 34 -16.21 5.81 10.83
C GLY C 34 -17.58 6.39 10.57
N GLU C 35 -17.64 7.74 10.44
CA GLU C 35 -18.85 8.53 10.12
C GLU C 35 -18.70 9.05 8.65
N GLY C 36 -19.74 8.84 7.84
CA GLY C 36 -19.73 9.25 6.44
C GLY C 36 -21.03 9.82 5.90
N GLY C 37 -21.04 11.13 5.65
CA GLY C 37 -22.18 11.88 5.14
C GLY C 37 -23.21 12.05 6.22
N PHE C 38 -24.33 11.32 6.12
CA PHE C 38 -25.43 11.34 7.08
C PHE C 38 -25.62 9.99 7.80
N GLY C 39 -24.51 9.45 8.33
CA GLY C 39 -24.53 8.19 9.05
C GLY C 39 -23.19 7.59 9.47
N VAL C 40 -23.26 6.45 10.17
CA VAL C 40 -22.12 5.68 10.68
C VAL C 40 -21.89 4.46 9.77
N VAL C 41 -20.64 4.22 9.40
CA VAL C 41 -20.23 3.14 8.51
C VAL C 41 -19.64 1.99 9.32
N TYR C 42 -20.17 0.78 9.10
CA TYR C 42 -19.74 -0.43 9.78
C TYR C 42 -19.28 -1.49 8.77
N LYS C 43 -18.24 -2.24 9.15
CA LYS C 43 -17.69 -3.34 8.37
C LYS C 43 -18.56 -4.53 8.69
N GLY C 44 -19.00 -5.23 7.66
CA GLY C 44 -19.85 -6.40 7.80
C GLY C 44 -19.35 -7.56 6.97
N TYR C 45 -19.81 -8.77 7.29
CA TYR C 45 -19.46 -9.96 6.53
C TYR C 45 -20.74 -10.69 6.12
N VAL C 46 -21.00 -10.76 4.81
CA VAL C 46 -22.21 -11.37 4.22
C VAL C 46 -21.72 -12.51 3.37
N ASN C 47 -21.82 -13.75 3.89
CA ASN C 47 -21.43 -14.98 3.20
C ASN C 47 -20.05 -14.83 2.45
N ASN C 48 -19.03 -14.59 3.26
CA ASN C 48 -17.65 -14.43 2.86
C ASN C 48 -17.27 -13.09 2.24
N THR C 49 -18.23 -12.30 1.89
CA THR C 49 -18.04 -10.97 1.32
C THR C 49 -17.94 -9.94 2.42
N THR C 50 -16.92 -9.06 2.36
CA THR C 50 -16.79 -7.95 3.30
C THR C 50 -17.62 -6.83 2.70
N VAL C 51 -18.50 -6.25 3.51
CA VAL C 51 -19.39 -5.18 3.07
C VAL C 51 -19.26 -3.97 3.97
N ALA C 52 -19.72 -2.83 3.45
CA ALA C 52 -19.76 -1.57 4.16
C ALA C 52 -21.21 -1.30 4.32
N VAL C 53 -21.64 -1.24 5.59
CA VAL C 53 -23.04 -0.98 5.93
C VAL C 53 -23.11 0.40 6.55
N LYS C 54 -23.77 1.32 5.80
CA LYS C 54 -23.95 2.70 6.21
C LYS C 54 -25.33 2.79 6.83
N LYS C 55 -25.35 2.99 8.13
CA LYS C 55 -26.57 3.16 8.87
C LYS C 55 -26.86 4.68 8.82
N LEU C 56 -27.99 5.08 8.19
CA LEU C 56 -28.36 6.50 8.07
C LEU C 56 -28.89 7.07 9.37
N ILE C 62 -30.88 18.06 9.88
CA ILE C 62 -31.58 17.47 8.74
C ILE C 62 -32.81 16.66 9.17
N THR C 63 -33.92 16.79 8.42
CA THR C 63 -35.18 16.09 8.70
C THR C 63 -35.14 14.61 8.27
N THR C 64 -36.11 13.81 8.75
CA THR C 64 -36.24 12.38 8.44
C THR C 64 -36.59 12.18 6.96
N GLU C 65 -37.44 13.09 6.40
CA GLU C 65 -37.87 13.08 4.99
C GLU C 65 -36.71 13.42 4.08
N GLU C 66 -35.85 14.39 4.48
CA GLU C 66 -34.65 14.82 3.75
C GLU C 66 -33.66 13.65 3.65
N LEU C 67 -33.52 12.87 4.76
CA LEU C 67 -32.66 11.69 4.89
C LEU C 67 -33.17 10.58 3.96
N LYS C 68 -34.51 10.46 3.80
CA LYS C 68 -35.16 9.47 2.93
C LYS C 68 -34.96 9.83 1.45
N GLN C 69 -35.00 11.15 1.12
CA GLN C 69 -34.81 11.64 -0.25
C GLN C 69 -33.38 11.34 -0.75
N GLN C 70 -32.39 11.51 0.15
CA GLN C 70 -30.98 11.24 -0.14
C GLN C 70 -30.74 9.73 -0.33
N PHE C 71 -31.49 8.87 0.43
CA PHE C 71 -31.47 7.41 0.36
C PHE C 71 -32.00 6.99 -1.02
N ASP C 72 -33.15 7.55 -1.45
CA ASP C 72 -33.80 7.30 -2.75
C ASP C 72 -32.94 7.79 -3.94
N GLN C 73 -32.35 9.00 -3.82
CA GLN C 73 -31.49 9.58 -4.87
C GLN C 73 -30.22 8.75 -5.07
N GLU C 74 -29.63 8.26 -3.95
CA GLU C 74 -28.42 7.42 -3.99
C GLU C 74 -28.71 6.12 -4.77
N ILE C 75 -29.85 5.44 -4.48
CA ILE C 75 -30.30 4.21 -5.16
C ILE C 75 -30.55 4.47 -6.67
N LYS C 76 -31.21 5.59 -7.00
CA LYS C 76 -31.52 6.00 -8.37
C LYS C 76 -30.27 6.23 -9.23
N VAL C 77 -29.31 7.00 -8.72
CA VAL C 77 -28.04 7.30 -9.41
C VAL C 77 -27.18 6.02 -9.55
N MET C 78 -27.17 5.19 -8.51
CA MET C 78 -26.40 3.98 -8.52
C MET C 78 -26.90 2.93 -9.50
N ALA C 79 -28.20 2.84 -9.69
CA ALA C 79 -28.85 1.95 -10.66
C ALA C 79 -28.51 2.37 -12.10
N LYS C 80 -28.34 3.67 -12.34
CA LYS C 80 -28.04 4.25 -13.65
C LYS C 80 -26.53 4.27 -13.96
N CYS C 81 -25.69 4.53 -12.94
CA CYS C 81 -24.26 4.70 -13.10
C CYS C 81 -23.41 3.60 -12.46
N GLN C 82 -22.78 2.78 -13.29
CA GLN C 82 -21.88 1.69 -12.90
C GLN C 82 -20.53 1.93 -13.57
N HIS C 83 -19.46 2.09 -12.78
CA HIS C 83 -18.12 2.40 -13.27
C HIS C 83 -17.09 2.00 -12.21
N GLU C 84 -15.86 1.65 -12.65
CA GLU C 84 -14.74 1.26 -11.76
CA GLU C 84 -14.76 1.26 -11.74
C GLU C 84 -14.40 2.37 -10.74
N ASN C 85 -14.60 3.64 -11.12
CA ASN C 85 -14.29 4.79 -10.25
C ASN C 85 -15.51 5.38 -9.54
N LEU C 86 -16.56 4.57 -9.39
CA LEU C 86 -17.75 4.94 -8.62
C LEU C 86 -18.00 3.79 -7.66
N VAL C 87 -18.31 4.10 -6.38
CA VAL C 87 -18.61 3.06 -5.41
C VAL C 87 -19.79 2.17 -5.94
N GLU C 88 -19.77 0.86 -5.65
CA GLU C 88 -20.84 -0.01 -6.10
C GLU C 88 -21.81 -0.31 -4.97
N LEU C 89 -23.11 -0.09 -5.20
CA LEU C 89 -24.14 -0.40 -4.22
C LEU C 89 -24.58 -1.84 -4.45
N LEU C 90 -24.61 -2.65 -3.37
CA LEU C 90 -25.01 -4.06 -3.42
C LEU C 90 -26.46 -4.22 -3.01
N GLY C 91 -26.87 -3.43 -2.02
CA GLY C 91 -28.21 -3.46 -1.48
C GLY C 91 -28.56 -2.37 -0.49
N PHE C 92 -29.69 -2.55 0.19
CA PHE C 92 -30.26 -1.59 1.12
C PHE C 92 -31.21 -2.26 2.13
N SER C 93 -31.60 -1.51 3.17
CA SER C 93 -32.55 -1.92 4.20
C SER C 93 -33.43 -0.71 4.51
N SER C 94 -34.78 -0.89 4.46
CA SER C 94 -35.82 0.11 4.73
C SER C 94 -36.66 -0.18 6.02
N ASP C 95 -36.65 -1.44 6.48
CA ASP C 95 -37.28 -1.86 7.74
C ASP C 95 -36.28 -1.52 8.86
N GLY C 96 -36.78 -1.20 10.04
CA GLY C 96 -35.90 -0.85 11.15
C GLY C 96 -35.87 0.63 11.45
N ASP C 97 -36.50 1.47 10.57
CA ASP C 97 -36.67 2.94 10.64
C ASP C 97 -35.38 3.77 10.78
N ASP C 98 -34.24 3.16 10.41
CA ASP C 98 -32.91 3.76 10.45
C ASP C 98 -32.40 4.06 9.03
N LEU C 99 -32.68 3.15 8.08
CA LEU C 99 -32.27 3.14 6.66
C LEU C 99 -30.81 2.75 6.55
N CYS C 100 -30.55 1.63 5.87
CA CYS C 100 -29.18 1.15 5.66
C CYS C 100 -28.86 1.03 4.16
N LEU C 101 -27.61 1.30 3.79
CA LEU C 101 -27.10 1.18 2.42
C LEU C 101 -25.88 0.28 2.47
N VAL C 102 -25.91 -0.77 1.65
CA VAL C 102 -24.86 -1.78 1.63
C VAL C 102 -24.06 -1.58 0.35
N TYR C 103 -22.76 -1.45 0.53
CA TYR C 103 -21.85 -1.23 -0.56
C TYR C 103 -20.79 -2.25 -0.56
N VAL C 104 -20.06 -2.31 -1.68
CA VAL C 104 -18.84 -3.08 -1.78
C VAL C 104 -17.92 -2.28 -0.84
N TYR C 105 -17.26 -2.97 0.09
CA TYR C 105 -16.44 -2.34 1.11
C TYR C 105 -15.18 -1.75 0.54
N MET C 106 -14.83 -0.51 0.96
CA MET C 106 -13.60 0.17 0.54
C MET C 106 -12.63 0.10 1.74
N PRO C 107 -11.68 -0.88 1.76
CA PRO C 107 -10.82 -1.04 2.95
C PRO C 107 -9.88 0.11 3.28
N ASN C 108 -9.49 0.95 2.29
CA ASN C 108 -8.53 2.00 2.57
C ASN C 108 -9.18 3.35 2.86
N GLY C 109 -10.47 3.33 3.19
CA GLY C 109 -11.23 4.50 3.62
C GLY C 109 -11.24 5.64 2.64
N SER C 110 -11.18 6.87 3.12
CA SER C 110 -11.25 8.04 2.24
C SER C 110 -9.89 8.62 1.91
N LEU C 111 -9.83 9.39 0.82
CA LEU C 111 -8.62 10.11 0.39
C LEU C 111 -8.24 11.13 1.49
N LEU C 112 -9.25 11.77 2.14
CA LEU C 112 -9.03 12.73 3.24
C LEU C 112 -8.23 12.07 4.37
N ASP C 113 -8.64 10.85 4.79
CA ASP C 113 -7.97 10.08 5.85
C ASP C 113 -6.57 9.65 5.47
N ARG C 114 -6.36 9.27 4.18
CA ARG C 114 -5.05 8.84 3.71
C ARG C 114 -4.09 10.02 3.56
N LEU C 115 -4.59 11.20 3.19
CA LEU C 115 -3.76 12.38 3.07
C LEU C 115 -3.34 12.90 4.47
N SER C 116 -4.19 12.66 5.48
CA SER C 116 -3.87 13.06 6.85
C SER C 116 -3.15 11.95 7.64
N CYS C 117 -2.93 10.76 7.02
CA CYS C 117 -2.25 9.59 7.58
C CYS C 117 -2.94 9.11 8.87
N LEU C 118 -4.26 9.20 8.88
CA LEU C 118 -5.10 8.79 10.00
C LEU C 118 -4.87 7.31 10.35
N ASP C 119 -4.78 7.02 11.67
CA ASP C 119 -4.58 5.69 12.28
C ASP C 119 -3.23 5.02 11.91
N GLY C 120 -2.22 5.85 11.66
CA GLY C 120 -0.87 5.38 11.37
C GLY C 120 -0.59 4.89 9.98
N THR C 121 -1.47 5.23 9.00
CA THR C 121 -1.26 4.76 7.63
C THR C 121 -0.09 5.51 7.00
N PRO C 122 0.77 4.86 6.18
CA PRO C 122 1.92 5.60 5.62
C PRO C 122 1.50 6.68 4.62
N PRO C 123 2.26 7.80 4.48
CA PRO C 123 1.87 8.81 3.48
C PRO C 123 1.77 8.23 2.07
N LEU C 124 0.82 8.74 1.26
CA LEU C 124 0.67 8.32 -0.13
C LEU C 124 1.83 8.92 -0.92
N SER C 125 2.45 8.11 -1.78
CA SER C 125 3.54 8.60 -2.64
C SER C 125 2.95 9.47 -3.74
N TRP C 126 3.79 10.26 -4.40
CA TRP C 126 3.37 11.12 -5.49
C TRP C 126 2.77 10.28 -6.64
N HIS C 127 3.39 9.13 -6.94
CA HIS C 127 2.96 8.20 -7.98
C HIS C 127 1.53 7.70 -7.70
N MET C 128 1.23 7.29 -6.46
CA MET C 128 -0.11 6.86 -6.05
C MET C 128 -1.09 8.05 -6.10
N ARG C 129 -0.65 9.25 -5.70
CA ARG C 129 -1.49 10.44 -5.71
C ARG C 129 -1.96 10.79 -7.14
N CYS C 130 -1.06 10.65 -8.14
CA CYS C 130 -1.35 10.89 -9.55
C CYS C 130 -2.39 9.90 -10.07
N LYS C 131 -2.30 8.63 -9.69
CA LYS C 131 -3.27 7.62 -10.10
C LYS C 131 -4.63 7.84 -9.47
N ILE C 132 -4.63 8.26 -8.23
CA ILE C 132 -5.87 8.60 -7.50
C ILE C 132 -6.58 9.78 -8.16
N ALA C 133 -5.83 10.83 -8.54
CA ALA C 133 -6.35 12.02 -9.22
C ALA C 133 -6.96 11.64 -10.57
N GLN C 134 -6.26 10.77 -11.34
CA GLN C 134 -6.72 10.25 -12.64
C GLN C 134 -7.99 9.41 -12.47
N GLY C 135 -7.99 8.52 -11.48
CA GLY C 135 -9.13 7.68 -11.14
C GLY C 135 -10.34 8.50 -10.77
N ALA C 136 -10.19 9.50 -9.88
CA ALA C 136 -11.28 10.39 -9.47
C ALA C 136 -11.86 11.19 -10.65
N ALA C 137 -11.00 11.68 -11.58
CA ALA C 137 -11.37 12.42 -12.79
C ALA C 137 -12.18 11.52 -13.73
N ASN C 138 -11.81 10.22 -13.81
CA ASN C 138 -12.49 9.25 -14.65
CA ASN C 138 -12.50 9.23 -14.64
C ASN C 138 -13.91 9.00 -14.12
N GLY C 139 -14.07 9.00 -12.78
CA GLY C 139 -15.35 8.83 -12.11
C GLY C 139 -16.29 9.99 -12.33
N ILE C 140 -15.77 11.23 -12.16
CA ILE C 140 -16.52 12.47 -12.39
C ILE C 140 -16.95 12.55 -13.87
N ASN C 141 -16.03 12.15 -14.80
CA ASN C 141 -16.29 12.12 -16.24
C ASN C 141 -17.47 11.24 -16.58
N PHE C 142 -17.54 10.05 -15.95
CA PHE C 142 -18.65 9.13 -16.17
C PHE C 142 -19.97 9.73 -15.70
N LEU C 143 -19.97 10.41 -14.54
CA LEU C 143 -21.15 11.05 -13.97
C LEU C 143 -21.66 12.17 -14.88
N HIS C 144 -20.73 12.98 -15.43
CA HIS C 144 -21.04 14.09 -16.33
C HIS C 144 -21.53 13.60 -17.70
N GLU C 145 -20.97 12.48 -18.21
CA GLU C 145 -21.40 11.86 -19.48
C GLU C 145 -22.83 11.34 -19.35
N ASN C 146 -23.22 10.90 -18.12
CA ASN C 146 -24.55 10.41 -17.79
C ASN C 146 -25.45 11.52 -17.24
N HIS C 147 -25.09 12.79 -17.55
CA HIS C 147 -25.80 14.02 -17.21
C HIS C 147 -26.15 14.15 -15.72
N HIS C 148 -25.18 13.83 -14.87
CA HIS C 148 -25.33 13.93 -13.42
C HIS C 148 -24.29 14.88 -12.85
N ILE C 149 -24.76 15.79 -11.97
CA ILE C 149 -23.91 16.73 -11.25
C ILE C 149 -23.84 16.16 -9.84
N HIS C 150 -22.63 15.95 -9.33
CA HIS C 150 -22.43 15.37 -8.01
C HIS C 150 -22.89 16.30 -6.88
N ARG C 151 -22.46 17.58 -6.94
CA ARG C 151 -22.75 18.69 -6.02
C ARG C 151 -21.96 18.65 -4.71
N ASP C 152 -21.23 17.55 -4.40
CA ASP C 152 -20.45 17.47 -3.17
C ASP C 152 -19.10 16.76 -3.37
N ILE C 153 -18.35 17.18 -4.39
CA ILE C 153 -17.03 16.64 -4.69
C ILE C 153 -16.05 17.15 -3.62
N LYS C 154 -15.41 16.21 -2.90
CA LYS C 154 -14.45 16.45 -1.83
C LYS C 154 -13.67 15.20 -1.52
N SER C 155 -12.50 15.34 -0.85
CA SER C 155 -11.63 14.21 -0.51
C SER C 155 -12.31 13.16 0.41
N ALA C 156 -13.28 13.59 1.27
CA ALA C 156 -14.02 12.66 2.13
C ALA C 156 -14.96 11.78 1.28
N ASN C 157 -15.33 12.27 0.06
CA ASN C 157 -16.21 11.54 -0.87
C ASN C 157 -15.45 10.78 -1.96
N ILE C 158 -14.13 10.64 -1.80
CA ILE C 158 -13.31 9.86 -2.71
C ILE C 158 -12.76 8.71 -1.86
N LEU C 159 -13.31 7.52 -2.09
CA LEU C 159 -12.95 6.31 -1.35
C LEU C 159 -11.87 5.53 -2.06
N LEU C 160 -11.17 4.67 -1.30
CA LEU C 160 -10.05 3.90 -1.82
C LEU C 160 -10.18 2.42 -1.49
N ASP C 161 -10.15 1.57 -2.52
CA ASP C 161 -10.25 0.12 -2.34
C ASP C 161 -8.88 -0.46 -1.93
N GLU C 162 -8.74 -1.81 -1.90
CA GLU C 162 -7.52 -2.54 -1.56
C GLU C 162 -6.29 -2.13 -2.36
N ALA C 163 -6.47 -1.86 -3.68
CA ALA C 163 -5.41 -1.42 -4.59
C ALA C 163 -5.28 0.10 -4.70
N PHE C 164 -6.00 0.85 -3.83
CA PHE C 164 -6.05 2.32 -3.81
C PHE C 164 -6.67 2.90 -5.09
N THR C 165 -7.61 2.15 -5.69
CA THR C 165 -8.39 2.65 -6.83
C THR C 165 -9.38 3.65 -6.24
N ALA C 166 -9.44 4.87 -6.82
CA ALA C 166 -10.31 5.95 -6.36
C ALA C 166 -11.74 5.66 -6.75
N LYS C 167 -12.67 5.83 -5.81
CA LYS C 167 -14.11 5.58 -5.96
C LYS C 167 -14.90 6.80 -5.52
N ILE C 168 -15.57 7.47 -6.46
CA ILE C 168 -16.44 8.61 -6.16
C ILE C 168 -17.64 8.07 -5.35
N SER C 169 -17.95 8.75 -4.24
CA SER C 169 -19.00 8.36 -3.32
C SER C 169 -19.97 9.50 -2.96
N ASP C 170 -21.11 9.12 -2.36
CA ASP C 170 -22.19 9.98 -1.86
C ASP C 170 -22.89 10.76 -2.97
N PHE C 171 -23.89 10.11 -3.57
CA PHE C 171 -24.72 10.64 -4.66
C PHE C 171 -26.10 11.08 -4.13
N GLY C 172 -26.17 11.31 -2.82
CA GLY C 172 -27.37 11.74 -2.12
C GLY C 172 -27.90 13.10 -2.52
N LEU C 173 -26.99 14.04 -2.91
CA LEU C 173 -27.31 15.39 -3.36
C LEU C 173 -27.17 15.55 -4.90
N ALA C 174 -26.89 14.44 -5.63
CA ALA C 174 -26.71 14.43 -7.08
C ALA C 174 -27.96 14.87 -7.84
N ARG C 175 -27.75 15.59 -8.96
CA ARG C 175 -28.82 16.12 -9.81
C ARG C 175 -28.68 15.70 -11.25
N ALA C 176 -29.79 15.19 -11.81
CA ALA C 176 -29.89 14.78 -13.22
C ALA C 176 -30.15 16.03 -14.07
N SER C 177 -29.11 16.51 -14.80
CA SER C 177 -29.17 17.71 -15.64
C SER C 177 -29.86 17.45 -16.99
N VAL C 184 -29.45 26.39 -14.24
CA VAL C 184 -30.41 25.85 -13.29
C VAL C 184 -30.16 26.45 -11.89
N MET C 185 -31.23 26.94 -11.23
CA MET C 185 -31.17 27.55 -9.90
C MET C 185 -31.90 26.72 -8.85
N TPO C 186 -31.54 26.92 -7.55
CA TPO C 186 -32.15 26.21 -6.42
CB TPO C 186 -31.41 24.87 -6.18
CG2 TPO C 186 -30.60 24.60 -4.90
OG1 TPO C 186 -32.36 23.74 -6.49
P TPO C 186 -33.60 23.27 -5.63
O1P TPO C 186 -34.41 22.31 -6.48
O2P TPO C 186 -33.17 22.57 -4.33
O3P TPO C 186 -34.62 24.34 -5.22
C TPO C 186 -32.27 27.09 -5.18
O TPO C 186 -31.42 27.96 -4.96
N SEP C 187 -33.30 26.84 -4.35
CA SEP C 187 -33.58 27.56 -3.11
CB SEP C 187 -35.05 27.33 -2.65
OG SEP C 187 -36.06 27.71 -3.60
C SEP C 187 -32.75 27.03 -1.93
O SEP C 187 -32.39 27.82 -1.05
P SEP C 187 -37.48 27.41 -3.05
O1P SEP C 187 -38.52 27.91 -4.06
O2P SEP C 187 -37.71 25.90 -2.87
O3P SEP C 187 -37.74 28.17 -1.75
N ARG C 188 -32.47 25.70 -1.91
CA ARG C 188 -31.71 25.04 -0.84
C ARG C 188 -30.24 24.80 -1.26
N ILE C 189 -29.35 25.76 -0.94
CA ILE C 189 -27.91 25.69 -1.23
C ILE C 189 -27.27 24.59 -0.37
N VAL C 190 -26.80 23.52 -1.04
CA VAL C 190 -26.18 22.34 -0.39
C VAL C 190 -24.78 22.05 -0.95
N GLY C 191 -23.93 21.50 -0.10
CA GLY C 191 -22.54 21.18 -0.42
C GLY C 191 -21.61 21.58 0.70
N THR C 192 -20.32 21.46 0.47
CA THR C 192 -19.29 21.78 1.47
C THR C 192 -18.61 23.09 1.08
N THR C 193 -18.84 24.10 1.91
CA THR C 193 -18.39 25.50 1.76
C THR C 193 -16.95 25.67 1.27
N ALA C 194 -16.00 24.94 1.88
CA ALA C 194 -14.56 24.99 1.56
C ALA C 194 -14.22 24.48 0.14
N TYR C 195 -15.14 23.73 -0.49
CA TYR C 195 -14.97 23.14 -1.81
C TYR C 195 -15.85 23.78 -2.89
N MET C 196 -16.89 24.51 -2.49
CA MET C 196 -17.92 25.07 -3.37
C MET C 196 -17.48 26.23 -4.25
N ALA C 197 -17.93 26.21 -5.50
CA ALA C 197 -17.68 27.25 -6.49
C ALA C 197 -18.44 28.54 -6.12
N PRO C 198 -17.97 29.74 -6.52
CA PRO C 198 -18.71 30.98 -6.18
C PRO C 198 -20.19 30.95 -6.61
N GLU C 199 -20.48 30.48 -7.85
CA GLU C 199 -21.85 30.36 -8.37
C GLU C 199 -22.69 29.30 -7.62
N ALA C 200 -22.03 28.25 -7.08
CA ALA C 200 -22.71 27.20 -6.30
C ALA C 200 -23.18 27.79 -4.96
N LEU C 201 -22.39 28.70 -4.38
CA LEU C 201 -22.73 29.38 -3.12
C LEU C 201 -23.91 30.33 -3.32
N ARG C 202 -24.14 30.77 -4.59
CA ARG C 202 -25.27 31.64 -4.96
C ARG C 202 -26.55 30.82 -5.06
N GLY C 203 -26.43 29.60 -5.61
CA GLY C 203 -27.57 28.71 -5.81
C GLY C 203 -27.63 28.09 -7.20
N GLU C 204 -26.60 28.33 -8.04
CA GLU C 204 -26.53 27.75 -9.38
C GLU C 204 -26.14 26.26 -9.30
N ILE C 205 -26.73 25.44 -10.19
CA ILE C 205 -26.47 24.00 -10.32
C ILE C 205 -25.89 23.83 -11.74
N THR C 206 -24.60 23.50 -11.81
CA THR C 206 -23.87 23.34 -13.07
C THR C 206 -22.75 22.31 -12.91
N PRO C 207 -22.45 21.47 -13.94
CA PRO C 207 -21.33 20.53 -13.81
C PRO C 207 -19.97 21.21 -13.66
N LYS C 208 -19.88 22.52 -13.97
CA LYS C 208 -18.68 23.35 -13.85
C LYS C 208 -18.33 23.59 -12.38
N SER C 209 -19.32 23.49 -11.47
CA SER C 209 -19.13 23.62 -10.02
C SER C 209 -18.38 22.41 -9.49
N ASP C 210 -18.63 21.19 -10.07
CA ASP C 210 -17.94 19.95 -9.74
C ASP C 210 -16.46 20.06 -10.11
N ILE C 211 -16.15 20.76 -11.23
CA ILE C 211 -14.77 21.01 -11.71
C ILE C 211 -14.00 21.84 -10.67
N TYR C 212 -14.63 22.92 -10.17
CA TYR C 212 -14.06 23.83 -9.17
C TYR C 212 -13.71 23.03 -7.90
N SER C 213 -14.66 22.20 -7.42
CA SER C 213 -14.50 21.35 -6.24
C SER C 213 -13.37 20.33 -6.44
N PHE C 214 -13.22 19.81 -7.68
CA PHE C 214 -12.14 18.87 -8.00
C PHE C 214 -10.78 19.56 -7.93
N GLY C 215 -10.76 20.87 -8.24
CA GLY C 215 -9.56 21.71 -8.14
C GLY C 215 -9.07 21.79 -6.72
N VAL C 216 -10.00 21.92 -5.75
CA VAL C 216 -9.70 21.96 -4.31
C VAL C 216 -9.11 20.57 -3.88
N VAL C 217 -9.69 19.47 -4.38
CA VAL C 217 -9.21 18.11 -4.12
C VAL C 217 -7.77 17.96 -4.62
N LEU C 218 -7.47 18.48 -5.83
CA LEU C 218 -6.12 18.45 -6.41
C LEU C 218 -5.13 19.22 -5.54
N LEU C 219 -5.57 20.35 -4.95
CA LEU C 219 -4.72 21.12 -4.02
C LEU C 219 -4.47 20.31 -2.75
N GLU C 220 -5.46 19.56 -2.27
CA GLU C 220 -5.29 18.70 -1.08
C GLU C 220 -4.29 17.59 -1.37
N ILE C 221 -4.34 17.03 -2.60
CA ILE C 221 -3.44 15.97 -3.06
C ILE C 221 -1.97 16.46 -3.09
N ILE C 222 -1.75 17.68 -3.63
CA ILE C 222 -0.42 18.29 -3.72
C ILE C 222 0.15 18.66 -2.36
N THR C 223 -0.66 19.30 -1.51
CA THR C 223 -0.24 19.88 -0.23
C THR C 223 -0.37 18.95 0.99
N GLY C 224 -1.27 17.98 0.91
CA GLY C 224 -1.60 17.11 2.03
C GLY C 224 -2.36 17.88 3.12
N LEU C 225 -2.85 19.09 2.78
CA LEU C 225 -3.56 19.98 3.69
C LEU C 225 -5.06 19.89 3.49
N PRO C 226 -5.86 19.98 4.59
CA PRO C 226 -7.32 19.97 4.43
C PRO C 226 -7.82 21.27 3.79
N ALA C 227 -8.97 21.22 3.09
CA ALA C 227 -9.58 22.39 2.42
C ALA C 227 -9.83 23.57 3.36
N VAL C 228 -10.14 23.29 4.63
CA VAL C 228 -10.35 24.33 5.66
C VAL C 228 -9.62 23.92 6.98
N ASP C 229 -8.99 24.90 7.62
CA ASP C 229 -8.28 24.73 8.89
C ASP C 229 -8.35 26.07 9.60
N GLU C 230 -9.15 26.13 10.69
CA GLU C 230 -9.36 27.36 11.47
C GLU C 230 -8.09 27.89 12.13
N HIS C 231 -7.16 26.98 12.50
CA HIS C 231 -5.89 27.36 13.12
C HIS C 231 -4.80 27.41 12.03
N ARG C 232 -5.11 27.99 10.84
CA ARG C 232 -4.21 28.14 9.68
C ARG C 232 -4.41 29.48 8.99
N GLU C 233 -3.34 30.03 8.39
CA GLU C 233 -3.34 31.28 7.65
C GLU C 233 -2.78 31.03 6.24
N PRO C 234 -3.60 31.03 5.16
CA PRO C 234 -5.07 31.25 5.14
C PRO C 234 -5.87 30.03 5.55
N GLN C 235 -7.07 30.27 6.10
CA GLN C 235 -7.96 29.23 6.59
C GLN C 235 -8.44 28.29 5.48
N LEU C 236 -8.71 28.83 4.28
CA LEU C 236 -9.18 28.09 3.11
C LEU C 236 -8.06 27.82 2.14
N LEU C 237 -7.94 26.55 1.70
CA LEU C 237 -6.89 26.09 0.79
C LEU C 237 -6.99 26.75 -0.58
N LEU C 238 -8.20 27.17 -0.95
CA LEU C 238 -8.52 27.91 -2.17
C LEU C 238 -7.74 29.21 -2.22
N ASP C 239 -7.68 29.95 -1.07
CA ASP C 239 -7.02 31.25 -0.90
C ASP C 239 -5.54 31.10 -1.05
N ILE C 240 -5.02 29.85 -0.92
CA ILE C 240 -3.61 29.54 -1.07
C ILE C 240 -3.18 29.78 -2.54
N LYS C 241 -4.10 29.55 -3.50
CA LYS C 241 -3.89 29.71 -4.93
C LYS C 241 -3.57 31.16 -5.32
N GLU C 242 -4.18 32.16 -4.67
CA GLU C 242 -3.93 33.57 -4.96
C GLU C 242 -2.55 34.04 -4.50
N GLU C 243 -2.02 33.40 -3.43
CA GLU C 243 -0.70 33.67 -2.84
C GLU C 243 0.43 33.33 -3.81
N ILE C 244 0.22 32.30 -4.65
CA ILE C 244 1.18 31.84 -5.66
C ILE C 244 1.22 32.84 -6.82
N GLU C 245 0.04 33.28 -7.33
CA GLU C 245 -0.10 34.27 -8.42
C GLU C 245 0.47 35.64 -8.02
N ASP C 246 0.23 36.07 -6.75
CA ASP C 246 0.71 37.36 -6.22
C ASP C 246 2.19 37.29 -5.80
N GLU C 247 2.86 36.16 -6.09
CA GLU C 247 4.28 35.85 -5.82
C GLU C 247 4.67 35.90 -4.33
N GLU C 248 3.67 35.79 -3.42
CA GLU C 248 3.88 35.76 -1.96
C GLU C 248 4.52 34.42 -1.57
N LYS C 249 4.16 33.38 -2.33
CA LYS C 249 4.62 32.03 -2.16
C LYS C 249 4.67 31.26 -3.48
N THR C 250 5.27 30.08 -3.48
CA THR C 250 5.38 29.27 -4.69
C THR C 250 4.70 27.92 -4.41
N ILE C 251 4.51 27.09 -5.44
CA ILE C 251 3.94 25.76 -5.31
C ILE C 251 4.86 24.88 -4.47
N GLU C 252 6.19 25.08 -4.64
CA GLU C 252 7.27 24.38 -3.93
C GLU C 252 7.16 24.50 -2.41
N ASP C 253 6.73 25.68 -1.92
CA ASP C 253 6.52 25.96 -0.49
C ASP C 253 5.35 25.18 0.08
N TYR C 254 4.39 24.83 -0.79
CA TYR C 254 3.19 24.13 -0.37
C TYR C 254 3.18 22.63 -0.66
N ILE C 255 4.16 22.08 -1.42
CA ILE C 255 4.23 20.63 -1.72
C ILE C 255 4.28 19.89 -0.39
N ASP C 256 3.47 18.84 -0.25
CA ASP C 256 3.43 17.98 0.93
C ASP C 256 4.86 17.46 1.21
N LYS C 257 5.38 17.78 2.38
CA LYS C 257 6.73 17.36 2.81
C LYS C 257 6.79 15.86 3.13
N LYS C 258 5.61 15.22 3.21
CA LYS C 258 5.46 13.78 3.50
C LYS C 258 5.61 12.92 2.24
N MET C 259 6.19 13.48 1.17
CA MET C 259 6.51 12.74 -0.07
C MET C 259 8.01 12.82 -0.32
N ASN C 260 8.59 11.79 -0.98
CA ASN C 260 10.01 11.81 -1.36
C ASN C 260 10.21 11.62 -2.87
N ASP C 261 9.10 11.30 -3.59
CA ASP C 261 9.09 11.02 -5.02
C ASP C 261 8.39 12.09 -5.87
N ALA C 262 8.10 13.26 -5.29
CA ALA C 262 7.44 14.34 -6.01
C ALA C 262 8.47 15.09 -6.83
N ASP C 263 8.33 15.06 -8.16
CA ASP C 263 9.21 15.80 -9.05
C ASP C 263 8.50 17.10 -9.42
N SER C 264 9.27 18.20 -9.46
CA SER C 264 8.79 19.55 -9.73
C SER C 264 7.90 19.67 -10.96
N THR C 265 8.26 18.98 -12.08
CA THR C 265 7.56 19.04 -13.36
C THR C 265 6.13 18.51 -13.25
N SER C 266 5.92 17.29 -12.74
CA SER C 266 4.57 16.72 -12.62
C SER C 266 3.74 17.40 -11.53
N VAL C 267 4.37 17.94 -10.47
CA VAL C 267 3.68 18.68 -9.40
C VAL C 267 3.12 19.98 -9.98
N GLU C 268 3.96 20.70 -10.75
CA GLU C 268 3.58 21.94 -11.42
C GLU C 268 2.48 21.68 -12.45
N ALA C 269 2.53 20.50 -13.11
CA ALA C 269 1.54 20.06 -14.10
C ALA C 269 0.19 19.83 -13.40
N MET C 270 0.16 19.19 -12.20
CA MET C 270 -1.09 18.98 -11.45
C MET C 270 -1.61 20.30 -10.90
N TYR C 271 -0.70 21.19 -10.44
CA TYR C 271 -1.07 22.50 -9.94
C TYR C 271 -1.71 23.35 -11.04
N SER C 272 -1.19 23.24 -12.29
CA SER C 272 -1.72 23.95 -13.46
C SER C 272 -3.16 23.53 -13.74
N VAL C 273 -3.47 22.23 -13.60
CA VAL C 273 -4.82 21.67 -13.77
C VAL C 273 -5.73 22.23 -12.66
N ALA C 274 -5.26 22.18 -11.39
CA ALA C 274 -5.96 22.70 -10.22
C ALA C 274 -6.28 24.19 -10.38
N SER C 275 -5.29 24.98 -10.81
CA SER C 275 -5.41 26.42 -11.06
C SER C 275 -6.49 26.72 -12.10
N GLN C 276 -6.51 25.93 -13.20
CA GLN C 276 -7.49 26.04 -14.29
C GLN C 276 -8.89 25.70 -13.78
N CYS C 277 -9.00 24.68 -12.93
CA CYS C 277 -10.25 24.24 -12.31
C CYS C 277 -10.83 25.31 -11.38
N LEU C 278 -9.95 26.05 -10.70
CA LEU C 278 -10.33 27.06 -9.70
C LEU C 278 -10.58 28.48 -10.26
N HIS C 279 -10.79 28.60 -11.59
CA HIS C 279 -11.11 29.88 -12.21
C HIS C 279 -12.46 30.33 -11.63
N GLU C 280 -12.54 31.60 -11.20
CA GLU C 280 -13.76 32.16 -10.63
C GLU C 280 -14.91 32.17 -11.65
N LYS C 281 -14.57 32.39 -12.91
CA LYS C 281 -15.51 32.38 -14.04
C LYS C 281 -15.69 30.93 -14.45
N LYS C 282 -16.93 30.39 -14.33
CA LYS C 282 -17.26 29.00 -14.64
C LYS C 282 -16.99 28.58 -16.10
N ASN C 283 -17.15 29.51 -17.06
CA ASN C 283 -16.93 29.25 -18.47
C ASN C 283 -15.44 29.14 -18.85
N LYS C 284 -14.55 29.70 -18.02
CA LYS C 284 -13.10 29.66 -18.23
C LYS C 284 -12.45 28.37 -17.68
N ARG C 285 -13.20 27.62 -16.86
CA ARG C 285 -12.79 26.32 -16.30
C ARG C 285 -12.78 25.26 -17.41
N PRO C 286 -11.85 24.28 -17.40
CA PRO C 286 -11.91 23.22 -18.41
C PRO C 286 -13.02 22.22 -18.06
N ASP C 287 -13.57 21.52 -19.07
CA ASP C 287 -14.57 20.49 -18.81
C ASP C 287 -13.84 19.25 -18.25
N ILE C 288 -14.58 18.28 -17.70
CA ILE C 288 -13.99 17.10 -17.10
C ILE C 288 -13.13 16.28 -18.10
N LYS C 289 -13.52 16.26 -19.39
CA LYS C 289 -12.78 15.54 -20.43
C LYS C 289 -11.37 16.13 -20.61
N LYS C 290 -11.25 17.47 -20.57
CA LYS C 290 -9.98 18.19 -20.65
C LYS C 290 -9.13 17.93 -19.40
N VAL C 291 -9.77 17.93 -18.20
CA VAL C 291 -9.12 17.66 -16.91
C VAL C 291 -8.48 16.26 -16.97
N GLN C 292 -9.25 15.27 -17.46
CA GLN C 292 -8.86 13.87 -17.63
C GLN C 292 -7.66 13.78 -18.58
N GLN C 293 -7.69 14.55 -19.68
CA GLN C 293 -6.65 14.64 -20.71
C GLN C 293 -5.35 15.22 -20.14
N LEU C 294 -5.44 16.35 -19.41
CA LEU C 294 -4.29 17.00 -18.80
C LEU C 294 -3.62 16.16 -17.71
N LEU C 295 -4.43 15.38 -16.95
CA LEU C 295 -3.91 14.50 -15.90
C LEU C 295 -3.18 13.29 -16.50
N GLN C 296 -3.60 12.82 -17.69
CA GLN C 296 -2.94 11.70 -18.38
C GLN C 296 -1.61 12.15 -18.99
N GLU C 297 -1.57 13.38 -19.53
CA GLU C 297 -0.37 14.01 -20.11
C GLU C 297 0.71 14.25 -19.04
N MET C 298 0.27 14.54 -17.80
CA MET C 298 1.09 14.80 -16.61
C MET C 298 2.01 13.60 -16.31
N THR C 299 1.49 12.37 -16.45
CA THR C 299 2.23 11.13 -16.23
C THR C 299 2.67 10.56 -17.59
N ARG D 5 12.85 -8.07 30.32
CA ARG D 5 12.77 -7.09 29.23
C ARG D 5 11.44 -7.20 28.48
N PHE D 6 10.91 -8.43 28.30
CA PHE D 6 9.66 -8.73 27.63
C PHE D 6 8.55 -8.90 28.65
N HIS D 7 7.31 -8.60 28.27
CA HIS D 7 6.17 -8.74 29.19
C HIS D 7 5.73 -10.20 29.35
N SER D 8 5.55 -10.62 30.62
CA SER D 8 5.10 -11.98 30.93
C SER D 8 3.57 -12.02 31.01
N PHE D 9 2.95 -12.66 30.00
CA PHE D 9 1.51 -12.81 29.95
C PHE D 9 1.06 -14.17 30.51
N SER D 10 -0.14 -14.20 31.11
CA SER D 10 -0.77 -15.45 31.53
C SER D 10 -1.58 -15.90 30.29
N PHE D 11 -1.75 -17.22 30.09
CA PHE D 11 -2.47 -17.74 28.92
C PHE D 11 -3.91 -17.22 28.78
N TYR D 12 -4.62 -17.02 29.91
CA TYR D 12 -5.99 -16.51 29.92
C TYR D 12 -6.14 -15.13 29.28
N GLU D 13 -5.17 -14.24 29.51
CA GLU D 13 -5.15 -12.88 28.99
C GLU D 13 -5.17 -12.90 27.46
N LEU D 14 -4.32 -13.75 26.90
CA LEU D 14 -4.13 -13.90 25.46
C LEU D 14 -5.30 -14.59 24.79
N LYS D 15 -6.04 -15.46 25.55
CA LYS D 15 -7.23 -16.15 25.04
C LYS D 15 -8.28 -15.07 24.78
N ASN D 16 -8.44 -14.16 25.74
CA ASN D 16 -9.47 -13.17 25.63
C ASN D 16 -9.17 -12.00 24.68
N VAL D 17 -7.88 -11.67 24.47
CA VAL D 17 -7.50 -10.61 23.51
C VAL D 17 -7.61 -11.07 22.05
N THR D 18 -7.72 -12.38 21.81
CA THR D 18 -7.85 -13.00 20.49
C THR D 18 -9.30 -13.44 20.22
N ASN D 19 -10.26 -12.95 21.06
CA ASN D 19 -11.68 -13.30 21.01
C ASN D 19 -11.81 -14.84 21.18
N ASN D 20 -11.14 -15.36 22.22
CA ASN D 20 -11.05 -16.78 22.61
C ASN D 20 -10.46 -17.67 21.48
N PHE D 21 -9.31 -17.24 20.93
CA PHE D 21 -8.58 -17.90 19.85
C PHE D 21 -9.53 -18.27 18.70
N ASP D 22 -10.28 -17.23 18.22
CA ASP D 22 -11.24 -17.32 17.11
C ASP D 22 -10.47 -17.80 15.88
N GLU D 23 -10.57 -19.13 15.60
CA GLU D 23 -9.90 -19.86 14.51
C GLU D 23 -10.37 -19.42 13.11
N ARG D 24 -11.48 -18.67 12.99
CA ARG D 24 -12.00 -18.19 11.70
C ARG D 24 -11.01 -17.20 11.12
N PRO D 25 -10.80 -17.16 9.79
CA PRO D 25 -9.86 -16.17 9.23
C PRO D 25 -10.35 -14.73 9.46
N ILE D 26 -9.42 -13.74 9.41
CA ILE D 26 -9.68 -12.29 9.56
C ILE D 26 -10.76 -11.84 8.58
N SER D 27 -10.67 -12.34 7.31
CA SER D 27 -11.58 -12.05 6.20
C SER D 27 -13.04 -12.41 6.48
N VAL D 28 -13.30 -13.38 7.38
CA VAL D 28 -14.66 -13.80 7.73
C VAL D 28 -15.10 -13.21 9.11
N GLY D 29 -14.24 -12.37 9.69
CA GLY D 29 -14.51 -11.73 10.97
C GLY D 29 -13.94 -12.42 12.19
N GLY D 30 -13.02 -13.36 11.95
CA GLY D 30 -12.33 -14.08 13.02
C GLY D 30 -11.01 -13.43 13.41
N ASN D 31 -10.14 -14.21 14.09
CA ASN D 31 -8.85 -13.73 14.55
C ASN D 31 -7.65 -14.49 13.97
N LYS D 32 -7.88 -15.58 13.22
CA LYS D 32 -6.81 -16.36 12.62
C LYS D 32 -6.17 -15.63 11.45
N MET D 33 -4.86 -15.41 11.54
CA MET D 33 -4.06 -14.77 10.49
C MET D 33 -3.51 -15.87 9.57
N GLY D 34 -3.08 -16.96 10.18
CA GLY D 34 -2.56 -18.11 9.44
C GLY D 34 -1.87 -19.12 10.30
N GLU D 35 -1.44 -20.22 9.65
CA GLU D 35 -0.74 -21.40 10.17
C GLU D 35 -1.47 -22.09 11.32
N PHE D 38 4.48 -25.72 13.67
CA PHE D 38 5.14 -24.86 14.66
C PHE D 38 4.11 -24.05 15.48
N GLY D 39 3.11 -23.52 14.78
CA GLY D 39 2.03 -22.77 15.44
C GLY D 39 1.11 -21.95 14.55
N VAL D 40 -0.04 -21.56 15.14
CA VAL D 40 -1.12 -20.74 14.55
C VAL D 40 -1.01 -19.29 15.05
N VAL D 41 -1.14 -18.34 14.14
CA VAL D 41 -1.01 -16.91 14.41
C VAL D 41 -2.39 -16.27 14.47
N TYR D 42 -2.66 -15.55 15.58
CA TYR D 42 -3.91 -14.86 15.82
C TYR D 42 -3.70 -13.37 16.06
N LYS D 43 -4.61 -12.55 15.54
CA LYS D 43 -4.60 -11.12 15.69
C LYS D 43 -5.26 -10.85 17.05
N GLY D 44 -4.61 -10.03 17.85
CA GLY D 44 -5.09 -9.69 19.17
C GLY D 44 -5.11 -8.20 19.40
N TYR D 45 -5.85 -7.77 20.43
CA TYR D 45 -5.92 -6.38 20.81
C TYR D 45 -5.66 -6.27 22.30
N VAL D 46 -4.49 -5.79 22.68
CA VAL D 46 -4.06 -5.61 24.07
C VAL D 46 -3.92 -4.09 24.26
N ASN D 47 -4.68 -3.49 25.19
CA ASN D 47 -4.65 -2.04 25.43
C ASN D 47 -4.51 -1.17 24.13
N ASN D 48 -5.44 -1.32 23.22
CA ASN D 48 -5.35 -0.59 22.00
C ASN D 48 -4.20 -1.00 21.09
N THR D 49 -3.37 -1.95 21.46
CA THR D 49 -2.28 -2.39 20.61
C THR D 49 -2.51 -3.72 19.88
N THR D 50 -2.72 -3.68 18.56
CA THR D 50 -2.90 -4.90 17.76
C THR D 50 -1.63 -5.68 17.84
N VAL D 51 -1.71 -6.90 18.28
CA VAL D 51 -0.54 -7.73 18.40
C VAL D 51 -0.69 -9.02 17.65
N ALA D 52 0.40 -9.74 17.53
CA ALA D 52 0.37 -11.01 16.84
C ALA D 52 0.64 -12.02 17.89
N VAL D 53 -0.33 -12.91 18.07
CA VAL D 53 -0.16 -13.94 19.09
C VAL D 53 0.01 -15.27 18.42
N LYS D 54 1.23 -15.83 18.53
CA LYS D 54 1.54 -17.12 17.96
C LYS D 54 1.42 -18.15 19.05
N LYS D 55 0.42 -19.02 18.92
CA LYS D 55 0.18 -20.12 19.84
C LYS D 55 0.98 -21.31 19.28
N LEU D 56 2.03 -21.76 20.01
CA LEU D 56 2.90 -22.86 19.58
C LEU D 56 2.19 -24.21 19.67
N THR D 63 8.80 -32.82 18.82
CA THR D 63 8.43 -33.09 20.22
C THR D 63 8.09 -31.80 20.99
N THR D 64 7.48 -31.95 22.20
CA THR D 64 7.11 -30.84 23.09
C THR D 64 8.36 -30.12 23.63
N GLU D 65 9.44 -30.89 23.92
CA GLU D 65 10.72 -30.38 24.41
C GLU D 65 11.42 -29.56 23.30
N GLU D 66 11.36 -30.04 22.05
CA GLU D 66 11.93 -29.37 20.88
C GLU D 66 11.23 -28.02 20.65
N LEU D 67 9.90 -27.99 20.84
CA LEU D 67 9.03 -26.82 20.71
C LEU D 67 9.38 -25.79 21.79
N LYS D 68 9.75 -26.27 23.01
CA LYS D 68 10.16 -25.44 24.14
C LYS D 68 11.54 -24.81 23.90
N GLN D 69 12.47 -25.58 23.30
CA GLN D 69 13.82 -25.09 22.97
C GLN D 69 13.78 -23.95 21.94
N GLN D 70 12.89 -24.07 20.95
CA GLN D 70 12.69 -23.06 19.90
C GLN D 70 12.03 -21.79 20.47
N PHE D 71 11.15 -21.95 21.50
CA PHE D 71 10.48 -20.88 22.24
C PHE D 71 11.54 -20.08 23.02
N ASP D 72 12.45 -20.80 23.74
CA ASP D 72 13.55 -20.22 24.51
C ASP D 72 14.59 -19.53 23.62
N GLN D 73 14.94 -20.16 22.47
CA GLN D 73 15.93 -19.60 21.52
C GLN D 73 15.40 -18.30 20.88
N GLU D 74 14.10 -18.27 20.56
CA GLU D 74 13.45 -17.09 19.98
C GLU D 74 13.56 -15.91 20.94
N ILE D 75 13.25 -16.13 22.25
CA ILE D 75 13.33 -15.12 23.31
C ILE D 75 14.78 -14.62 23.50
N LYS D 76 15.76 -15.55 23.52
CA LYS D 76 17.20 -15.24 23.67
C LYS D 76 17.75 -14.34 22.54
N VAL D 77 17.47 -14.70 21.26
CA VAL D 77 17.90 -13.94 20.09
C VAL D 77 17.19 -12.57 20.01
N MET D 78 15.87 -12.52 20.34
CA MET D 78 15.07 -11.29 20.35
C MET D 78 15.56 -10.26 21.36
N ALA D 79 16.01 -10.74 22.54
CA ALA D 79 16.56 -9.92 23.63
C ALA D 79 17.89 -9.27 23.22
N LYS D 80 18.68 -9.98 22.39
CA LYS D 80 19.99 -9.52 21.91
C LYS D 80 19.90 -8.66 20.64
N CYS D 81 18.96 -9.00 19.72
CA CYS D 81 18.86 -8.33 18.41
C CYS D 81 17.59 -7.50 18.24
N GLN D 82 17.78 -6.17 18.17
CA GLN D 82 16.76 -5.14 17.97
C GLN D 82 17.15 -4.29 16.74
N HIS D 83 16.33 -4.30 15.70
CA HIS D 83 16.58 -3.61 14.42
C HIS D 83 15.26 -3.41 13.71
N GLU D 84 15.13 -2.33 12.90
CA GLU D 84 13.92 -2.00 12.12
CA GLU D 84 13.91 -2.02 12.14
C GLU D 84 13.54 -3.13 11.14
N ASN D 85 14.50 -3.97 10.77
CA ASN D 85 14.27 -5.06 9.81
C ASN D 85 14.22 -6.46 10.45
N LEU D 86 13.92 -6.50 11.75
CA LEU D 86 13.72 -7.74 12.50
C LEU D 86 12.40 -7.58 13.24
N VAL D 87 11.55 -8.64 13.28
CA VAL D 87 10.29 -8.56 14.02
C VAL D 87 10.57 -8.25 15.52
N GLU D 88 9.72 -7.49 16.18
CA GLU D 88 9.96 -7.16 17.59
C GLU D 88 9.05 -8.01 18.45
N LEU D 89 9.63 -8.66 19.44
CA LEU D 89 8.89 -9.47 20.41
C LEU D 89 8.48 -8.56 21.58
N LEU D 90 7.18 -8.55 21.94
CA LEU D 90 6.66 -7.72 23.04
C LEU D 90 6.54 -8.52 24.31
N GLY D 91 6.19 -9.79 24.17
CA GLY D 91 6.00 -10.68 25.31
C GLY D 91 5.78 -12.13 24.95
N PHE D 92 5.45 -12.91 25.99
CA PHE D 92 5.29 -14.36 25.88
C PHE D 92 4.37 -14.89 26.98
N SER D 93 3.98 -16.15 26.83
CA SER D 93 3.17 -16.89 27.79
C SER D 93 3.72 -18.31 27.86
N SER D 94 4.02 -18.78 29.08
CA SER D 94 4.58 -20.12 29.29
C SER D 94 3.87 -20.93 30.37
N ASP D 95 2.77 -20.40 30.93
CA ASP D 95 1.97 -21.11 31.92
C ASP D 95 1.10 -22.16 31.22
N GLY D 96 1.16 -23.39 31.70
CA GLY D 96 0.43 -24.50 31.08
C GLY D 96 1.21 -25.21 29.99
N ASP D 97 0.49 -25.81 29.05
CA ASP D 97 1.12 -26.58 27.99
C ASP D 97 0.79 -26.08 26.59
N ASP D 98 0.70 -24.74 26.42
CA ASP D 98 0.38 -24.18 25.11
C ASP D 98 1.48 -23.36 24.41
N LEU D 99 2.22 -22.52 25.15
CA LEU D 99 3.31 -21.60 24.76
C LEU D 99 2.90 -20.57 23.72
N CYS D 100 2.89 -19.30 24.14
CA CYS D 100 2.54 -18.20 23.23
C CYS D 100 3.68 -17.17 23.11
N LEU D 101 3.81 -16.57 21.92
CA LEU D 101 4.77 -15.50 21.63
C LEU D 101 3.97 -14.32 21.08
N VAL D 102 4.16 -13.16 21.71
CA VAL D 102 3.43 -11.93 21.37
C VAL D 102 4.42 -10.99 20.67
N TYR D 103 4.01 -10.51 19.51
CA TYR D 103 4.85 -9.67 18.70
C TYR D 103 4.15 -8.43 18.32
N VAL D 104 4.94 -7.46 17.80
CA VAL D 104 4.39 -6.29 17.17
C VAL D 104 3.78 -6.91 15.89
N TYR D 105 2.50 -6.69 15.67
CA TYR D 105 1.74 -7.28 14.59
C TYR D 105 2.19 -6.77 13.26
N MET D 106 2.35 -7.66 12.26
CA MET D 106 2.73 -7.28 10.90
C MET D 106 1.49 -7.36 10.01
N PRO D 107 0.79 -6.23 9.79
CA PRO D 107 -0.49 -6.28 9.06
C PRO D 107 -0.44 -6.80 7.63
N ASN D 108 0.72 -6.74 6.94
CA ASN D 108 0.76 -7.18 5.54
C ASN D 108 1.32 -8.57 5.34
N GLY D 109 1.27 -9.36 6.41
CA GLY D 109 1.64 -10.77 6.41
C GLY D 109 3.03 -11.06 5.93
N SER D 110 3.19 -12.16 5.17
CA SER D 110 4.52 -12.54 4.70
C SER D 110 4.74 -12.13 3.26
N LEU D 111 6.01 -12.06 2.86
CA LEU D 111 6.43 -11.76 1.50
C LEU D 111 5.92 -12.87 0.55
N LEU D 112 5.88 -14.13 1.03
CA LEU D 112 5.37 -15.28 0.27
C LEU D 112 3.93 -15.03 -0.14
N ASP D 113 3.06 -14.64 0.81
CA ASP D 113 1.64 -14.33 0.55
C ASP D 113 1.46 -13.14 -0.36
N ARG D 114 2.29 -12.11 -0.22
CA ARG D 114 2.18 -10.92 -1.07
C ARG D 114 2.65 -11.20 -2.49
N LEU D 115 3.66 -12.07 -2.66
CA LEU D 115 4.11 -12.46 -4.00
C LEU D 115 3.09 -13.35 -4.69
N SER D 116 2.33 -14.14 -3.90
CA SER D 116 1.28 -15.01 -4.41
C SER D 116 -0.08 -14.28 -4.58
N CYS D 117 -0.19 -13.02 -4.08
CA CYS D 117 -1.39 -12.17 -4.09
C CYS D 117 -2.55 -12.83 -3.36
N LEU D 118 -2.21 -13.56 -2.29
CA LEU D 118 -3.18 -14.26 -1.44
C LEU D 118 -4.24 -13.27 -0.89
N ASP D 119 -5.51 -13.73 -0.89
CA ASP D 119 -6.71 -13.03 -0.41
C ASP D 119 -7.00 -11.70 -1.16
N GLY D 120 -6.67 -11.67 -2.44
CA GLY D 120 -6.93 -10.54 -3.33
C GLY D 120 -6.05 -9.32 -3.20
N THR D 121 -4.86 -9.45 -2.56
CA THR D 121 -3.98 -8.29 -2.40
C THR D 121 -3.36 -7.92 -3.74
N PRO D 122 -3.16 -6.64 -4.07
CA PRO D 122 -2.58 -6.31 -5.41
C PRO D 122 -1.13 -6.75 -5.54
N PRO D 123 -0.64 -7.10 -6.76
CA PRO D 123 0.78 -7.47 -6.90
C PRO D 123 1.72 -6.36 -6.41
N LEU D 124 2.87 -6.72 -5.84
CA LEU D 124 3.89 -5.78 -5.40
C LEU D 124 4.57 -5.22 -6.65
N SER D 125 4.76 -3.92 -6.71
CA SER D 125 5.45 -3.28 -7.83
C SER D 125 6.95 -3.61 -7.71
N TRP D 126 7.69 -3.42 -8.80
CA TRP D 126 9.13 -3.66 -8.82
C TRP D 126 9.85 -2.75 -7.81
N HIS D 127 9.41 -1.49 -7.72
CA HIS D 127 9.96 -0.49 -6.80
C HIS D 127 9.83 -0.96 -5.35
N MET D 128 8.64 -1.50 -4.96
CA MET D 128 8.40 -2.04 -3.62
C MET D 128 9.22 -3.30 -3.38
N ARG D 129 9.36 -4.15 -4.41
CA ARG D 129 10.14 -5.39 -4.35
C ARG D 129 11.62 -5.11 -4.06
N CYS D 130 12.18 -4.05 -4.67
CA CYS D 130 13.56 -3.61 -4.47
C CYS D 130 13.79 -3.14 -3.06
N LYS D 131 12.84 -2.35 -2.51
CA LYS D 131 12.90 -1.85 -1.12
C LYS D 131 12.82 -3.01 -0.11
N ILE D 132 11.98 -4.02 -0.39
CA ILE D 132 11.79 -5.22 0.45
C ILE D 132 13.07 -6.05 0.47
N ALA D 133 13.72 -6.25 -0.70
CA ALA D 133 14.97 -6.98 -0.84
C ALA D 133 16.09 -6.30 -0.07
N GLN D 134 16.16 -4.96 -0.14
CA GLN D 134 17.15 -4.14 0.58
C GLN D 134 16.93 -4.24 2.09
N GLY D 135 15.66 -4.13 2.51
CA GLY D 135 15.24 -4.25 3.91
C GLY D 135 15.55 -5.60 4.50
N ALA D 136 15.26 -6.70 3.75
CA ALA D 136 15.56 -8.06 4.19
C ALA D 136 17.05 -8.29 4.33
N ALA D 137 17.87 -7.74 3.39
CA ALA D 137 19.34 -7.83 3.42
C ALA D 137 19.91 -7.07 4.64
N ASN D 138 19.29 -5.92 5.01
CA ASN D 138 19.68 -5.10 6.15
CA ASN D 138 19.69 -5.10 6.15
C ASN D 138 19.45 -5.88 7.46
N GLY D 139 18.36 -6.66 7.49
CA GLY D 139 17.97 -7.51 8.62
C GLY D 139 18.92 -8.66 8.84
N ILE D 140 19.29 -9.38 7.74
CA ILE D 140 20.23 -10.49 7.76
C ILE D 140 21.63 -9.97 8.16
N ASN D 141 22.03 -8.77 7.65
CA ASN D 141 23.30 -8.12 7.97
C ASN D 141 23.45 -7.88 9.45
N PHE D 142 22.37 -7.40 10.10
CA PHE D 142 22.36 -7.15 11.54
C PHE D 142 22.56 -8.44 12.32
N LEU D 143 21.89 -9.53 11.88
CA LEU D 143 22.00 -10.85 12.51
C LEU D 143 23.42 -11.38 12.42
N HIS D 144 24.05 -11.25 11.24
CA HIS D 144 25.42 -11.71 10.98
C HIS D 144 26.47 -10.87 11.74
N GLU D 145 26.24 -9.55 11.89
CA GLU D 145 27.10 -8.64 12.66
C GLU D 145 27.08 -9.00 14.14
N ASN D 146 25.93 -9.53 14.63
CA ASN D 146 25.72 -9.99 16.00
C ASN D 146 26.01 -11.49 16.15
N HIS D 147 26.78 -12.04 15.19
CA HIS D 147 27.26 -13.43 15.11
C HIS D 147 26.13 -14.48 15.24
N HIS D 148 25.01 -14.23 14.53
CA HIS D 148 23.86 -15.14 14.51
C HIS D 148 23.60 -15.63 13.10
N ILE D 149 23.33 -16.93 12.97
CA ILE D 149 22.97 -17.59 11.71
C ILE D 149 21.50 -17.90 11.86
N HIS D 150 20.70 -17.45 10.90
CA HIS D 150 19.24 -17.62 10.94
C HIS D 150 18.82 -19.08 10.78
N ARG D 151 19.36 -19.77 9.74
CA ARG D 151 19.17 -21.18 9.38
C ARG D 151 17.84 -21.48 8.66
N ASP D 152 16.91 -20.50 8.57
CA ASP D 152 15.64 -20.73 7.88
C ASP D 152 15.17 -19.48 7.12
N ILE D 153 16.07 -18.91 6.29
CA ILE D 153 15.74 -17.73 5.48
C ILE D 153 14.86 -18.18 4.32
N LYS D 154 13.67 -17.58 4.22
CA LYS D 154 12.65 -17.88 3.20
C LYS D 154 11.63 -16.76 3.17
N SER D 155 10.85 -16.65 2.06
CA SER D 155 9.84 -15.60 1.91
C SER D 155 8.72 -15.67 2.99
N ALA D 156 8.41 -16.87 3.50
CA ALA D 156 7.41 -17.04 4.59
C ALA D 156 7.94 -16.43 5.89
N ASN D 157 9.28 -16.29 6.03
CA ASN D 157 9.92 -15.72 7.22
C ASN D 157 10.33 -14.26 7.05
N ILE D 158 9.84 -13.62 5.99
CA ILE D 158 10.04 -12.18 5.76
C ILE D 158 8.65 -11.57 5.88
N LEU D 159 8.42 -10.88 6.99
CA LEU D 159 7.13 -10.27 7.26
C LEU D 159 7.10 -8.82 6.85
N LEU D 160 5.90 -8.27 6.64
CA LEU D 160 5.72 -6.90 6.16
C LEU D 160 4.78 -6.12 7.03
N ASP D 161 5.21 -4.92 7.48
CA ASP D 161 4.36 -4.05 8.31
C ASP D 161 3.40 -3.21 7.44
N GLU D 162 2.74 -2.19 8.03
CA GLU D 162 1.77 -1.28 7.37
C GLU D 162 2.40 -0.50 6.19
N ALA D 163 3.72 -0.24 6.25
CA ALA D 163 4.47 0.47 5.22
C ALA D 163 5.28 -0.46 4.30
N PHE D 164 5.09 -1.79 4.43
CA PHE D 164 5.78 -2.87 3.69
C PHE D 164 7.27 -2.89 3.96
N THR D 165 7.65 -2.50 5.19
CA THR D 165 9.03 -2.57 5.67
C THR D 165 9.27 -4.09 5.94
N ALA D 166 10.31 -4.65 5.34
CA ALA D 166 10.66 -6.07 5.48
C ALA D 166 11.19 -6.35 6.88
N LYS D 167 10.64 -7.40 7.53
CA LYS D 167 11.05 -7.80 8.88
C LYS D 167 11.32 -9.31 8.93
N ILE D 168 12.58 -9.67 9.19
CA ILE D 168 13.02 -11.07 9.30
C ILE D 168 12.38 -11.65 10.58
N SER D 169 11.79 -12.85 10.45
CA SER D 169 11.15 -13.54 11.56
C SER D 169 11.62 -14.98 11.72
N ASP D 170 11.21 -15.60 12.84
CA ASP D 170 11.44 -16.98 13.24
C ASP D 170 12.92 -17.27 13.50
N PHE D 171 13.33 -16.99 14.72
CA PHE D 171 14.70 -17.16 15.20
C PHE D 171 14.78 -18.40 16.12
N GLY D 172 13.78 -19.30 15.98
CA GLY D 172 13.67 -20.53 16.74
C GLY D 172 14.79 -21.53 16.47
N LEU D 173 15.34 -21.53 15.23
CA LEU D 173 16.46 -22.40 14.81
C LEU D 173 17.79 -21.62 14.71
N ALA D 174 17.81 -20.33 15.10
CA ALA D 174 19.01 -19.48 15.05
C ALA D 174 20.15 -19.99 15.92
N ARG D 175 21.40 -19.81 15.43
CA ARG D 175 22.61 -20.25 16.12
C ARG D 175 23.63 -19.14 16.29
N ALA D 176 24.19 -19.01 17.50
CA ALA D 176 25.24 -18.04 17.80
C ALA D 176 26.59 -18.64 17.30
N SER D 177 27.10 -18.08 16.18
CA SER D 177 28.30 -18.50 15.42
C SER D 177 29.67 -18.16 16.05
N THR D 183 34.76 -25.34 11.02
CA THR D 183 33.40 -25.52 10.48
C THR D 183 32.50 -26.22 11.50
N VAL D 184 31.26 -25.72 11.69
CA VAL D 184 30.32 -26.29 12.67
C VAL D 184 29.36 -27.29 12.00
N MET D 185 29.26 -28.50 12.58
CA MET D 185 28.38 -29.58 12.10
C MET D 185 27.24 -29.87 13.08
N TPO D 186 26.16 -30.50 12.56
CA TPO D 186 24.98 -30.89 13.33
CB TPO D 186 23.83 -29.83 13.38
CG2 TPO D 186 23.14 -29.52 12.03
OG1 TPO D 186 22.79 -30.17 14.35
P TPO D 186 23.09 -30.02 15.86
O1P TPO D 186 21.82 -29.56 16.55
O2P TPO D 186 23.45 -31.40 16.39
O3P TPO D 186 24.22 -29.05 16.23
C TPO D 186 24.46 -32.27 12.91
O TPO D 186 24.61 -32.66 11.75
N SEP D 187 23.83 -32.99 13.86
CA SEP D 187 23.23 -34.31 13.63
CB SEP D 187 23.53 -35.28 14.78
OG SEP D 187 22.85 -34.89 15.99
C SEP D 187 21.74 -34.17 13.30
O SEP D 187 21.15 -35.10 12.76
P SEP D 187 23.30 -35.73 17.20
O1P SEP D 187 23.10 -37.24 17.03
O2P SEP D 187 22.43 -35.27 18.39
O3P SEP D 187 24.78 -35.49 17.56
N ARG D 188 21.15 -32.99 13.61
CA ARG D 188 19.75 -32.66 13.34
C ARG D 188 19.68 -31.61 12.22
N ILE D 189 19.49 -32.06 10.97
CA ILE D 189 19.39 -31.18 9.81
C ILE D 189 18.00 -30.52 9.80
N VAL D 190 17.97 -29.19 9.95
CA VAL D 190 16.75 -28.38 10.01
C VAL D 190 16.77 -27.23 9.00
N GLY D 191 15.58 -26.87 8.52
CA GLY D 191 15.37 -25.81 7.54
C GLY D 191 14.35 -26.22 6.49
N THR D 192 14.22 -25.40 5.44
CA THR D 192 13.27 -25.66 4.34
C THR D 192 14.08 -26.05 3.12
N THR D 193 13.95 -27.34 2.72
CA THR D 193 14.72 -28.00 1.66
C THR D 193 14.81 -27.20 0.35
N ALA D 194 13.72 -26.57 -0.10
CA ALA D 194 13.65 -25.76 -1.33
C ALA D 194 14.56 -24.50 -1.29
N TYR D 195 14.97 -24.05 -0.09
CA TYR D 195 15.77 -22.85 0.14
C TYR D 195 17.19 -23.16 0.60
N MET D 196 17.43 -24.38 1.12
CA MET D 196 18.69 -24.79 1.74
C MET D 196 19.87 -24.95 0.81
N ALA D 197 21.02 -24.49 1.29
CA ALA D 197 22.32 -24.58 0.61
C ALA D 197 22.77 -26.05 0.58
N PRO D 198 23.57 -26.49 -0.44
CA PRO D 198 24.02 -27.89 -0.46
C PRO D 198 24.69 -28.34 0.84
N GLU D 199 25.59 -27.51 1.41
CA GLU D 199 26.28 -27.83 2.68
C GLU D 199 25.33 -27.85 3.89
N ALA D 200 24.23 -27.08 3.85
CA ALA D 200 23.24 -27.05 4.93
C ALA D 200 22.46 -28.36 4.95
N LEU D 201 22.20 -28.94 3.75
CA LEU D 201 21.52 -30.23 3.59
C LEU D 201 22.39 -31.36 4.12
N ARG D 202 23.72 -31.14 4.13
CA ARG D 202 24.72 -32.10 4.61
C ARG D 202 24.79 -32.08 6.15
N GLY D 203 24.58 -30.90 6.74
CA GLY D 203 24.61 -30.71 8.19
C GLY D 203 25.52 -29.60 8.67
N GLU D 204 26.11 -28.83 7.74
CA GLU D 204 26.99 -27.70 8.07
C GLU D 204 26.15 -26.49 8.54
N ILE D 205 26.68 -25.75 9.53
CA ILE D 205 26.10 -24.52 10.07
C ILE D 205 27.10 -23.40 9.76
N THR D 206 26.71 -22.50 8.83
CA THR D 206 27.54 -21.39 8.36
C THR D 206 26.68 -20.20 7.94
N PRO D 207 27.11 -18.93 8.19
CA PRO D 207 26.30 -17.79 7.73
C PRO D 207 26.17 -17.71 6.20
N LYS D 208 27.04 -18.43 5.46
CA LYS D 208 27.06 -18.52 3.99
C LYS D 208 25.83 -19.28 3.47
N SER D 209 25.22 -20.16 4.30
CA SER D 209 24.00 -20.90 3.97
C SER D 209 22.82 -19.94 3.93
N ASP D 210 22.81 -18.91 4.81
CA ASP D 210 21.79 -17.87 4.86
C ASP D 210 21.82 -17.06 3.57
N ILE D 211 23.04 -16.82 3.01
CA ILE D 211 23.25 -16.09 1.74
C ILE D 211 22.57 -16.85 0.59
N TYR D 212 22.80 -18.18 0.52
CA TYR D 212 22.24 -19.07 -0.51
C TYR D 212 20.71 -18.99 -0.49
N SER D 213 20.12 -19.14 0.72
CA SER D 213 18.68 -19.06 0.94
C SER D 213 18.11 -17.70 0.54
N PHE D 214 18.87 -16.60 0.79
CA PHE D 214 18.45 -15.26 0.39
C PHE D 214 18.42 -15.14 -1.12
N GLY D 215 19.30 -15.88 -1.81
CA GLY D 215 19.35 -15.94 -3.27
C GLY D 215 18.09 -16.54 -3.85
N VAL D 216 17.53 -17.57 -3.19
CA VAL D 216 16.26 -18.21 -3.57
C VAL D 216 15.14 -17.19 -3.40
N VAL D 217 15.14 -16.41 -2.27
CA VAL D 217 14.16 -15.36 -1.99
C VAL D 217 14.18 -14.30 -3.10
N LEU D 218 15.39 -13.88 -3.54
CA LEU D 218 15.56 -12.91 -4.63
C LEU D 218 14.96 -13.43 -5.93
N LEU D 219 15.09 -14.75 -6.21
CA LEU D 219 14.48 -15.37 -7.38
C LEU D 219 12.95 -15.36 -7.26
N GLU D 220 12.39 -15.60 -6.05
CA GLU D 220 10.94 -15.51 -5.80
C GLU D 220 10.44 -14.09 -6.03
N ILE D 221 11.24 -13.08 -5.65
CA ILE D 221 10.92 -11.64 -5.81
C ILE D 221 10.82 -11.27 -7.31
N ILE D 222 11.80 -11.73 -8.12
CA ILE D 222 11.87 -11.48 -9.55
C ILE D 222 10.75 -12.18 -10.32
N THR D 223 10.52 -13.47 -10.02
CA THR D 223 9.61 -14.34 -10.75
C THR D 223 8.18 -14.38 -10.24
N GLY D 224 7.99 -14.09 -8.96
CA GLY D 224 6.69 -14.20 -8.30
C GLY D 224 6.29 -15.67 -8.12
N LEU D 225 7.23 -16.60 -8.34
CA LEU D 225 7.04 -18.06 -8.25
C LEU D 225 7.53 -18.59 -6.93
N PRO D 226 6.79 -19.56 -6.33
CA PRO D 226 7.28 -20.15 -5.07
C PRO D 226 8.52 -21.01 -5.30
N ALA D 227 9.37 -21.16 -4.26
CA ALA D 227 10.61 -21.95 -4.32
C ALA D 227 10.37 -23.41 -4.76
N VAL D 228 9.21 -23.97 -4.38
CA VAL D 228 8.81 -25.35 -4.74
C VAL D 228 7.32 -25.38 -5.16
N ASP D 229 7.02 -26.13 -6.23
CA ASP D 229 5.67 -26.35 -6.74
C ASP D 229 5.68 -27.74 -7.37
N GLU D 230 5.00 -28.72 -6.72
CA GLU D 230 4.94 -30.11 -7.18
C GLU D 230 4.27 -30.28 -8.56
N HIS D 231 3.31 -29.41 -8.90
CA HIS D 231 2.61 -29.46 -10.19
C HIS D 231 3.27 -28.53 -11.21
N ARG D 232 4.61 -28.29 -11.08
CA ARG D 232 5.42 -27.42 -11.96
C ARG D 232 6.67 -28.14 -12.50
N GLU D 233 7.12 -27.72 -13.69
CA GLU D 233 8.30 -28.22 -14.36
C GLU D 233 9.25 -27.03 -14.68
N PRO D 234 10.39 -26.88 -13.97
CA PRO D 234 10.91 -27.70 -12.85
C PRO D 234 10.22 -27.41 -11.53
N GLN D 235 10.18 -28.42 -10.64
CA GLN D 235 9.54 -28.31 -9.34
C GLN D 235 10.20 -27.28 -8.43
N LEU D 236 11.55 -27.18 -8.48
CA LEU D 236 12.35 -26.28 -7.66
C LEU D 236 12.81 -25.07 -8.44
N LEU D 237 12.63 -23.87 -7.84
CA LEU D 237 12.99 -22.58 -8.44
C LEU D 237 14.48 -22.43 -8.66
N LEU D 238 15.27 -23.16 -7.85
CA LEU D 238 16.73 -23.26 -7.93
C LEU D 238 17.22 -23.68 -9.32
N ASP D 239 16.49 -24.61 -9.96
CA ASP D 239 16.78 -25.17 -11.28
C ASP D 239 16.72 -24.13 -12.41
N ILE D 240 16.16 -22.92 -12.14
CA ILE D 240 16.02 -21.86 -13.15
C ILE D 240 17.37 -21.24 -13.49
N LYS D 241 18.24 -21.04 -12.48
CA LYS D 241 19.59 -20.50 -12.62
C LYS D 241 20.40 -21.34 -13.64
N GLU D 242 20.17 -22.67 -13.62
CA GLU D 242 20.81 -23.63 -14.52
C GLU D 242 20.33 -23.45 -15.95
N GLU D 243 19.00 -23.24 -16.13
CA GLU D 243 18.39 -23.04 -17.45
C GLU D 243 18.85 -21.74 -18.11
N ILE D 244 19.08 -20.69 -17.29
CA ILE D 244 19.55 -19.38 -17.76
C ILE D 244 21.03 -19.47 -18.18
N GLU D 245 21.88 -20.10 -17.34
CA GLU D 245 23.32 -20.29 -17.60
C GLU D 245 23.57 -21.18 -18.82
N ASP D 246 22.75 -22.23 -19.02
CA ASP D 246 22.85 -23.14 -20.16
C ASP D 246 22.18 -22.57 -21.44
N GLU D 247 21.75 -21.29 -21.37
CA GLU D 247 21.12 -20.50 -22.43
C GLU D 247 19.80 -21.11 -22.98
N GLU D 248 19.15 -22.00 -22.20
CA GLU D 248 17.86 -22.62 -22.53
C GLU D 248 16.73 -21.57 -22.41
N LYS D 249 16.86 -20.68 -21.41
CA LYS D 249 15.94 -19.57 -21.12
C LYS D 249 16.75 -18.34 -20.70
N THR D 250 16.06 -17.21 -20.53
CA THR D 250 16.67 -15.95 -20.07
C THR D 250 15.90 -15.50 -18.82
N ILE D 251 16.42 -14.46 -18.11
CA ILE D 251 15.72 -13.97 -16.93
C ILE D 251 14.43 -13.25 -17.36
N GLU D 252 14.40 -12.68 -18.59
CA GLU D 252 13.26 -12.00 -19.21
C GLU D 252 12.04 -12.93 -19.32
N ASP D 253 12.29 -14.23 -19.59
CA ASP D 253 11.24 -15.26 -19.68
C ASP D 253 10.62 -15.57 -18.32
N TYR D 254 11.39 -15.33 -17.24
CA TYR D 254 10.94 -15.63 -15.89
C TYR D 254 10.47 -14.42 -15.08
N ILE D 255 10.67 -13.17 -15.57
CA ILE D 255 10.23 -11.95 -14.86
C ILE D 255 8.74 -12.07 -14.58
N ASP D 256 8.32 -11.80 -13.32
CA ASP D 256 6.92 -11.80 -12.92
C ASP D 256 6.14 -10.84 -13.86
N LYS D 257 5.17 -11.41 -14.57
CA LYS D 257 4.35 -10.68 -15.52
C LYS D 257 3.35 -9.75 -14.82
N LYS D 258 3.19 -9.95 -13.49
CA LYS D 258 2.29 -9.16 -12.62
C LYS D 258 2.90 -7.83 -12.20
N MET D 259 3.93 -7.37 -12.90
CA MET D 259 4.57 -6.07 -12.69
C MET D 259 4.49 -5.25 -13.97
N ASN D 260 4.44 -3.91 -13.84
CA ASN D 260 4.38 -2.98 -14.99
C ASN D 260 5.57 -1.99 -14.97
N ASP D 261 6.31 -1.96 -13.85
CA ASP D 261 7.43 -1.03 -13.61
C ASP D 261 8.80 -1.71 -13.53
N ALA D 262 8.91 -2.98 -13.95
CA ALA D 262 10.17 -3.70 -13.92
C ALA D 262 10.98 -3.31 -15.14
N ASP D 263 12.14 -2.68 -14.91
CA ASP D 263 13.05 -2.33 -16.00
C ASP D 263 14.13 -3.40 -16.08
N SER D 264 14.51 -3.79 -17.30
CA SER D 264 15.48 -4.83 -17.59
C SER D 264 16.81 -4.70 -16.85
N THR D 265 17.33 -3.47 -16.73
CA THR D 265 18.61 -3.18 -16.07
C THR D 265 18.60 -3.56 -14.58
N SER D 266 17.64 -3.06 -13.78
CA SER D 266 17.56 -3.38 -12.35
C SER D 266 17.15 -4.83 -12.07
N VAL D 267 16.34 -5.46 -12.96
CA VAL D 267 15.96 -6.87 -12.85
C VAL D 267 17.20 -7.74 -13.04
N GLU D 268 18.01 -7.44 -14.07
CA GLU D 268 19.26 -8.14 -14.37
C GLU D 268 20.25 -7.95 -13.24
N ALA D 269 20.25 -6.75 -12.61
CA ALA D 269 21.09 -6.41 -11.48
C ALA D 269 20.69 -7.25 -10.25
N MET D 270 19.37 -7.43 -9.96
CA MET D 270 18.93 -8.28 -8.85
C MET D 270 19.22 -9.77 -9.14
N TYR D 271 19.05 -10.18 -10.41
CA TYR D 271 19.34 -11.55 -10.81
C TYR D 271 20.82 -11.87 -10.63
N SER D 272 21.70 -10.89 -10.94
CA SER D 272 23.15 -11.01 -10.79
C SER D 272 23.51 -11.25 -9.32
N VAL D 273 22.83 -10.55 -8.38
CA VAL D 273 23.02 -10.72 -6.92
C VAL D 273 22.55 -12.13 -6.51
N ALA D 274 21.35 -12.53 -6.98
CA ALA D 274 20.78 -13.86 -6.73
C ALA D 274 21.71 -14.98 -7.21
N SER D 275 22.24 -14.84 -8.45
CA SER D 275 23.18 -15.76 -9.09
C SER D 275 24.46 -15.92 -8.25
N GLN D 276 24.99 -14.80 -7.72
CA GLN D 276 26.18 -14.78 -6.88
C GLN D 276 25.90 -15.47 -5.55
N CYS D 277 24.70 -15.26 -4.98
CA CYS D 277 24.25 -15.88 -3.73
C CYS D 277 24.12 -17.40 -3.88
N LEU D 278 23.69 -17.87 -5.07
CA LEU D 278 23.42 -19.27 -5.35
C LEU D 278 24.62 -20.09 -5.85
N HIS D 279 25.86 -19.61 -5.63
CA HIS D 279 27.07 -20.35 -5.98
C HIS D 279 27.09 -21.61 -5.10
N GLU D 280 27.38 -22.77 -5.72
CA GLU D 280 27.39 -24.05 -4.98
C GLU D 280 28.51 -24.11 -3.95
N LYS D 281 29.66 -23.48 -4.25
CA LYS D 281 30.83 -23.39 -3.37
C LYS D 281 30.58 -22.19 -2.44
N LYS D 282 30.38 -22.46 -1.14
CA LYS D 282 30.05 -21.47 -0.11
C LYS D 282 31.02 -20.27 0.00
N ASN D 283 32.31 -20.48 -0.25
CA ASN D 283 33.34 -19.45 -0.17
C ASN D 283 33.30 -18.45 -1.35
N LYS D 284 32.68 -18.86 -2.47
CA LYS D 284 32.54 -18.02 -3.67
C LYS D 284 31.30 -17.11 -3.59
N ARG D 285 30.41 -17.37 -2.64
CA ARG D 285 29.21 -16.56 -2.39
C ARG D 285 29.64 -15.23 -1.75
N PRO D 286 28.98 -14.09 -2.05
CA PRO D 286 29.37 -12.84 -1.38
C PRO D 286 28.86 -12.82 0.07
N ASP D 287 29.52 -12.05 0.94
CA ASP D 287 29.05 -11.91 2.32
C ASP D 287 27.83 -10.97 2.30
N ILE D 288 27.07 -10.91 3.40
CA ILE D 288 25.86 -10.10 3.44
C ILE D 288 26.13 -8.60 3.20
N LYS D 289 27.29 -8.08 3.63
CA LYS D 289 27.69 -6.69 3.42
C LYS D 289 27.80 -6.37 1.93
N LYS D 290 28.36 -7.31 1.14
CA LYS D 290 28.48 -7.17 -0.32
C LYS D 290 27.11 -7.23 -0.98
N VAL D 291 26.23 -8.15 -0.52
CA VAL D 291 24.84 -8.31 -1.01
C VAL D 291 24.08 -6.97 -0.82
N GLN D 292 24.22 -6.38 0.38
CA GLN D 292 23.62 -5.11 0.78
C GLN D 292 24.12 -3.98 -0.13
N GLN D 293 25.43 -3.99 -0.44
CA GLN D 293 26.12 -3.03 -1.32
C GLN D 293 25.59 -3.12 -2.76
N LEU D 294 25.50 -4.34 -3.31
CA LEU D 294 25.01 -4.59 -4.67
C LEU D 294 23.54 -4.23 -4.84
N LEU D 295 22.71 -4.44 -3.79
CA LEU D 295 21.29 -4.12 -3.84
C LEU D 295 21.07 -2.60 -3.79
N GLN D 296 21.97 -1.85 -3.11
CA GLN D 296 21.86 -0.38 -3.05
C GLN D 296 22.27 0.24 -4.40
N GLU D 297 23.30 -0.35 -5.06
CA GLU D 297 23.81 0.06 -6.38
C GLU D 297 22.75 -0.15 -7.47
N MET D 298 21.94 -1.21 -7.31
CA MET D 298 20.83 -1.61 -8.19
C MET D 298 19.80 -0.47 -8.35
N THR D 299 19.48 0.24 -7.25
CA THR D 299 18.55 1.36 -7.25
C THR D 299 19.33 2.67 -7.25
C1 6QX E . -2.48 -9.16 -24.65
C3 6QX E . -2.76 -6.97 -23.55
C7 6QX E . -7.05 -7.16 -25.14
C8 6QX E . -6.62 -6.24 -26.32
C10 6QX E . -5.45 -6.85 -27.10
C11 6QX E . -4.23 -7.07 -26.19
C13 6QX E . -8.60 -4.93 -27.08
C14 6QX E . -9.74 -4.81 -27.90
C15 6QX E . -10.24 -5.63 -28.99
C16 6QX E . -11.39 -5.10 -29.48
C20 6QX E . -9.26 -3.04 -25.93
C22 6QX E . -12.04 -5.91 -30.58
C24 6QX E . -9.85 -6.85 -29.83
N19 6QX E . -10.35 -2.81 -26.63
N2 6QX E . -3.43 -8.20 -24.05
C18 6QX E . -10.56 -3.72 -27.59
N12 6QX E . -7.72 -5.97 -27.22
C6 6QX E . -5.86 -7.40 -24.19
S17 6QX E . -11.96 -3.70 -28.64
C4 6QX E . -4.59 -7.92 -24.94
C23 6QX E . -11.09 -7.14 -30.70
N21 6QX E . -8.37 -4.03 -26.10
S SO4 F . -8.46 3.39 26.25
O1 SO4 F . -9.47 2.88 25.31
O2 SO4 F . -7.55 4.27 25.55
O3 SO4 F . -9.11 4.13 27.33
O4 SO4 F . -7.72 2.24 26.80
S SO4 G . 14.57 30.79 17.41
O1 SO4 G . 13.66 31.93 17.51
O2 SO4 G . 14.50 30.22 16.06
O3 SO4 G . 14.17 29.77 18.38
O4 SO4 G . 15.94 31.22 17.69
S SO4 H . 20.78 4.14 31.65
O1 SO4 H . 20.55 5.56 31.41
O2 SO4 H . 19.86 3.34 30.84
O3 SO4 H . 20.56 3.86 33.06
O4 SO4 H . 22.16 3.80 31.29
C1 6QX I . 16.79 16.02 7.41
C3 6QX I . 16.50 18.15 8.59
C7 6QX I . 20.55 16.51 9.77
C8 6QX I . 20.51 15.10 10.37
C10 6QX I . 19.22 14.87 11.18
C11 6QX I . 17.96 15.14 10.33
C13 6QX I . 22.30 13.64 11.31
C14 6QX I . 23.31 13.43 12.28
C15 6QX I . 23.95 14.31 13.26
C16 6QX I . 24.85 13.64 13.99
C20 6QX I . 22.43 11.43 10.72
C22 6QX I . 25.51 14.45 15.08
C24 6QX I . 23.92 15.78 13.72
N19 6QX I . 23.38 11.10 11.58
N2 6QX I . 16.84 16.72 8.72
C18 6QX I . 23.77 12.12 12.36
N12 6QX I . 21.71 14.86 11.17
C6 6QX I . 19.37 16.63 8.79
S17 6QX I . 24.98 11.95 13.61
C4 6QX I . 18.04 16.49 9.57
C23 6QX I . 25.14 15.90 14.68
N21 6QX I . 21.87 12.63 10.54
S SO4 J . -18.94 -20.55 3.33
O1 SO4 J . -18.96 -21.23 2.05
O2 SO4 J . -19.54 -19.22 3.17
O3 SO4 J . -17.55 -20.40 3.77
O4 SO4 J . -19.70 -21.31 4.30
S SO4 K . 12.74 17.29 -8.86
O1 SO4 K . 12.22 17.75 -10.15
O2 SO4 K . 14.11 17.80 -8.70
O3 SO4 K . 11.90 17.83 -7.78
O4 SO4 K . 12.74 15.84 -8.81
C1 6QX L . -13.83 9.13 8.93
C3 6QX L . -12.81 6.87 8.85
C7 6QX L . -14.74 6.31 4.82
C8 6QX L . -15.92 5.56 5.48
C10 6QX L . -16.60 6.37 6.59
C11 6QX L . -15.59 6.80 7.67
C13 6QX L . -16.81 3.94 3.80
C14 6QX L . -17.66 3.65 2.72
C15 6QX L . -18.78 4.37 2.12
C16 6QX L . -19.28 3.68 1.07
C20 6QX L . -15.70 1.97 3.43
C22 6QX L . -20.38 4.40 0.32
C24 6QX L . -19.58 5.68 2.26
N19 6QX L . -16.41 1.58 2.40
N2 6QX L . -13.40 7.99 8.08
C18 6QX L . -17.38 2.45 2.07
N12 6QX L . -16.90 5.13 4.49
C6 6QX L . -13.74 6.75 5.90
S17 6QX L . -18.45 2.20 0.71
C4 6QX L . -14.40 7.56 7.05
C23 6QX L . -20.80 5.49 1.34
N21 6QX L . -15.82 3.10 4.12
S SO4 M . 32.33 -21.04 7.53
O1 SO4 M . 32.14 -21.39 6.12
O2 SO4 M . 31.48 -19.91 7.90
O3 SO4 M . 33.72 -20.66 7.74
O4 SO4 M . 32.01 -22.22 8.36
S SO4 N . 13.28 -1.92 -20.16
O1 SO4 N . 12.39 -1.66 -21.28
O2 SO4 N . 14.64 -2.14 -20.67
O3 SO4 N . 13.28 -0.77 -19.26
O4 SO4 N . 12.81 -3.11 -19.45
C1 6QX O . -1.39 -16.11 6.16
C3 6QX O . 0.05 -18.13 5.90
C7 6QX O . 1.37 -16.34 9.77
C8 6QX O . 1.71 -14.84 9.74
C10 6QX O . 2.30 -14.41 8.38
C11 6QX O . 1.34 -14.76 7.22
C13 6QX O . 2.58 -13.20 11.45
C14 6QX O . 3.54 -12.84 12.40
C15 6QX O . 4.65 -13.56 12.99
C16 6QX O . 5.31 -12.78 13.86
C20 6QX O . 1.67 -11.09 11.63
C22 6QX O . 6.54 -13.43 14.47
C24 6QX O . 5.30 -14.95 12.97
N19 6QX O . 2.54 -10.61 12.49
N2 6QX O . 0.00 -16.66 6.15
C18 6QX O . 3.46 -11.51 12.85
N12 6QX O . 2.55 -14.47 10.88
C6 6QX O . 0.34 -16.63 8.67
S17 6QX O . 4.74 -11.14 13.96
C4 6QX O . 0.88 -16.24 7.28
C23 6QX O . 6.31 -14.92 14.15
N21 6QX O . 1.66 -12.30 11.07
#